data_9VBI
#
_entry.id   9VBI
#
_cell.length_a   1.00
_cell.length_b   1.00
_cell.length_c   1.00
_cell.angle_alpha   90.00
_cell.angle_beta   90.00
_cell.angle_gamma   90.00
#
_symmetry.space_group_name_H-M   'P 1'
#
loop_
_entity.id
_entity.type
_entity.pdbx_description
1 polymer "DNA (5'-D(*AP*AP*AP*AP*A)-3')"
2 polymer "5'-3' exonuclease PLD3"
3 branched 2-acetamido-2-deoxy-beta-D-glucopyranose-(1-4)-2-acetamido-2-deoxy-beta-D-glucopyranose
4 branched beta-D-mannopyranose-(1-4)-2-acetamido-2-deoxy-beta-D-glucopyranose-(1-4)-2-acetamido-2-deoxy-beta-D-glucopyranose
5 branched alpha-D-mannopyranose-(1-3)-[alpha-D-mannopyranose-(1-6)]beta-D-mannopyranose-(1-4)-2-acetamido-2-deoxy-beta-D-glucopyranose-(1-4)-2-acetamido-2-deoxy-beta-D-glucopyranose
#
loop_
_entity_poly.entity_id
_entity_poly.type
_entity_poly.pdbx_seq_one_letter_code
_entity_poly.pdbx_strand_id
1 'polydeoxyribonucleotide'
;(DA)(DA)(DA)(DA)(DA)(DA)(DA)(DA)(DA)(DA)(DA)(DA)(DA)(DA)(DA)(DA)(DA)(DA)(DA)(DA)
(DA)(DA)(DA)(DA)(DA)(DA)(DA)(DA)(DA)(DA)(DA)(DA)(DA)(DA)(DA)(DA)(DA)(DA)(DA)(DA)
(DA)(DA)(DA)(DA)(DA)(DA)(DA)(DA)(DA)
;
C,B
2 'polypeptide(L)'
;EYGDLHLFGPNQRPAPCYDPCEAVLVESIPEGLDFPNASTGNPSTSQAWLGLLAGAHSSLDIASFYWTLTNNDTHTQEPS
AQQGEEVLRQLQTLAPKGVNVRIAVSKPSGPQPQADLQALLQSGAQVRMVDMQKLTHGVLATKFWVVDQTHFYLGSANMD
WRSLTQVKELGVVMYNCSCLARDLTKIFEAYWFLGQAGSSIPSTWPRFYDTRYNQETPMEICLNGTPALAYLASAPPPLC
PSGRTPDLKALLNVVDNARSFIYVAVMNYLPTLEFSHPHRFWPAIDDGLRRATYERGVKVRLLISCWGHSEPSMRAFLLS
LAALRDNHTHSDIQVKLFVVPADEAQARIPYARVNANKYMVTERATYIGTSNWSGNYFTETAGTSLLVTQNGRGGLRSQL
EAIFLRDWDSPYSHDLDTSADSVGNACRLLLEVLFQ
;
A,D
#
# COMPACT_ATOMS: atom_id res chain seq x y z
N PRO B 14 -28.75 1.03 23.27
CA PRO B 14 -28.29 1.43 24.60
C PRO B 14 -28.87 2.77 25.04
N ALA B 15 -29.24 2.87 26.31
CA ALA B 15 -29.81 4.11 26.82
C ALA B 15 -28.75 5.21 26.82
N PRO B 16 -29.13 6.44 26.48
CA PRO B 16 -28.16 7.54 26.51
C PRO B 16 -27.72 7.85 27.93
N CYS B 17 -26.51 8.36 28.07
CA CYS B 17 -25.91 8.65 29.37
C CYS B 17 -26.29 10.08 29.76
N TYR B 18 -27.35 10.22 30.56
CA TYR B 18 -27.86 11.53 30.97
C TYR B 18 -26.93 12.10 32.04
N ASP B 19 -25.79 12.63 31.59
CA ASP B 19 -24.81 13.22 32.54
C ASP B 19 -24.16 14.45 31.91
N PRO B 20 -23.85 15.51 32.67
CA PRO B 20 -23.29 16.72 32.09
C PRO B 20 -21.88 16.49 31.61
N CYS B 21 -21.69 15.53 30.73
CA CYS B 21 -20.32 15.16 30.31
C CYS B 21 -19.65 16.35 29.61
N GLU B 22 -18.80 17.09 30.31
CA GLU B 22 -18.03 18.18 29.65
C GLU B 22 -16.68 17.61 29.25
N ALA B 23 -15.85 18.36 28.54
CA ALA B 23 -14.59 17.79 28.04
C ALA B 23 -13.57 18.88 27.75
N VAL B 24 -12.38 18.77 28.32
CA VAL B 24 -11.34 19.82 28.13
C VAL B 24 -10.12 19.19 27.45
N LEU B 25 -9.63 19.80 26.39
CA LEU B 25 -8.42 19.40 25.69
C LEU B 25 -7.22 20.01 26.41
N VAL B 26 -6.62 19.25 27.31
CA VAL B 26 -5.46 19.70 28.08
C VAL B 26 -4.21 19.37 27.29
N GLU B 27 -3.23 20.27 27.36
CA GLU B 27 -1.95 20.06 26.69
C GLU B 27 -0.86 20.71 27.53
N SER B 28 0.33 20.11 27.50
CA SER B 28 1.47 20.60 28.26
C SER B 28 2.46 21.22 27.28
N ILE B 29 2.48 22.54 27.22
CA ILE B 29 3.41 23.26 26.35
C ILE B 29 4.77 23.31 27.03
N PRO B 30 5.81 22.72 26.43
CA PRO B 30 7.13 22.77 27.05
C PRO B 30 7.69 24.18 27.09
N GLU B 31 8.54 24.43 28.08
CA GLU B 31 9.16 25.74 28.23
C GLU B 31 9.99 26.06 26.99
N GLY B 32 9.82 27.28 26.47
CA GLY B 32 10.46 27.67 25.24
C GLY B 32 9.47 27.74 24.09
N LEU B 33 8.55 26.79 24.05
CA LEU B 33 7.50 26.81 23.02
C LEU B 33 6.50 27.90 23.33
N ASP B 34 6.09 28.70 22.29
CA ASP B 34 5.17 29.81 22.47
C ASP B 34 4.42 30.04 21.16
N PHE B 35 3.15 29.80 21.21
CA PHE B 35 2.31 30.07 20.04
C PHE B 35 1.78 31.49 20.15
N PRO B 36 2.18 32.41 19.26
CA PRO B 36 1.75 33.82 19.38
C PRO B 36 0.35 34.05 18.82
N ASN B 37 -0.64 33.40 19.44
CA ASN B 37 -2.03 33.58 19.05
C ASN B 37 -2.89 34.17 20.15
N ALA B 38 -2.69 33.74 21.40
CA ALA B 38 -3.43 34.23 22.56
C ALA B 38 -4.94 34.07 22.41
N SER B 39 -5.38 33.23 21.47
CA SER B 39 -6.80 32.99 21.25
C SER B 39 -7.27 31.63 21.73
N THR B 40 -6.39 30.64 21.80
CA THR B 40 -6.71 29.31 22.30
C THR B 40 -5.98 29.08 23.61
N GLY B 41 -6.74 28.75 24.65
CA GLY B 41 -6.15 28.51 25.96
C GLY B 41 -6.87 27.42 26.73
N ASN B 42 -6.12 26.42 27.18
CA ASN B 42 -6.65 25.31 27.94
C ASN B 42 -5.78 25.05 29.14
N PRO B 43 -6.32 24.47 30.20
CA PRO B 43 -5.49 24.09 31.35
C PRO B 43 -4.42 23.09 30.94
N SER B 44 -3.24 23.22 31.54
CA SER B 44 -2.17 22.28 31.26
C SER B 44 -2.48 20.91 31.88
N THR B 45 -1.70 19.91 31.47
CA THR B 45 -1.90 18.56 32.01
C THR B 45 -1.65 18.55 33.51
N SER B 46 -0.63 19.28 33.97
CA SER B 46 -0.34 19.33 35.40
C SER B 46 -1.49 19.94 36.18
N GLN B 47 -2.08 21.03 35.67
CA GLN B 47 -3.19 21.67 36.37
C GLN B 47 -4.39 20.73 36.44
N ALA B 48 -4.72 20.06 35.34
CA ALA B 48 -5.86 19.15 35.34
C ALA B 48 -5.61 17.97 36.28
N TRP B 49 -4.39 17.42 36.28
CA TRP B 49 -4.08 16.32 37.18
C TRP B 49 -4.17 16.76 38.63
N LEU B 50 -3.66 17.95 38.95
CA LEU B 50 -3.75 18.45 40.32
C LEU B 50 -5.20 18.67 40.73
N GLY B 51 -6.02 19.21 39.84
CA GLY B 51 -7.43 19.37 40.15
C GLY B 51 -8.13 18.04 40.38
N LEU B 52 -7.82 17.04 39.55
CA LEU B 52 -8.41 15.72 39.74
C LEU B 52 -7.98 15.11 41.06
N LEU B 53 -6.71 15.25 41.42
CA LEU B 53 -6.22 14.71 42.68
C LEU B 53 -6.86 15.42 43.87
N ALA B 54 -7.01 16.74 43.79
CA ALA B 54 -7.68 17.48 44.86
C ALA B 54 -9.13 17.05 45.00
N GLY B 55 -9.81 16.85 43.88
CA GLY B 55 -11.19 16.38 43.92
C GLY B 55 -11.35 14.90 44.13
N ALA B 56 -10.26 14.14 44.16
CA ALA B 56 -10.33 12.70 44.34
C ALA B 56 -10.63 12.37 45.79
N HIS B 57 -11.71 11.61 46.01
CA HIS B 57 -12.06 11.20 47.36
C HIS B 57 -12.49 9.75 47.49
N SER B 58 -12.73 9.04 46.39
CA SER B 58 -13.24 7.67 46.46
C SER B 58 -12.37 6.66 45.71
N SER B 59 -11.85 7.02 44.55
CA SER B 59 -11.09 6.08 43.74
C SER B 59 -10.13 6.82 42.84
N LEU B 60 -9.06 6.14 42.44
CA LEU B 60 -8.09 6.70 41.50
C LEU B 60 -7.35 5.53 40.86
N ASP B 61 -7.63 5.29 39.58
CA ASP B 61 -6.98 4.24 38.82
C ASP B 61 -6.08 4.90 37.77
N ILE B 62 -4.80 4.52 37.76
CA ILE B 62 -3.81 5.11 36.86
C ILE B 62 -3.18 3.97 36.06
N ALA B 63 -3.39 3.98 34.75
CA ALA B 63 -2.63 3.09 33.88
C ALA B 63 -1.49 3.88 33.25
N SER B 64 -0.27 3.42 33.49
CA SER B 64 0.92 4.16 33.08
C SER B 64 1.96 3.21 32.51
N PHE B 65 2.88 3.79 31.75
CA PHE B 65 4.00 3.07 31.16
C PHE B 65 5.18 3.00 32.14
N TYR B 66 5.55 4.12 32.73
CA TYR B 66 6.66 4.19 33.66
C TYR B 66 6.42 5.35 34.61
N TRP B 67 7.14 5.34 35.73
CA TRP B 67 6.98 6.36 36.78
C TRP B 67 8.31 7.03 37.04
N THR B 68 8.40 8.31 36.71
CA THR B 68 9.63 9.08 36.85
C THR B 68 9.32 10.46 37.42
N LEU B 69 8.54 10.50 38.51
CA LEU B 69 8.15 11.78 39.08
C LEU B 69 9.13 12.29 40.13
N THR B 70 10.41 12.29 39.79
CA THR B 70 11.45 12.81 40.67
C THR B 70 12.65 13.20 39.82
N ASN B 71 13.44 14.15 40.33
CA ASN B 71 14.76 14.38 39.76
C ASN B 71 15.71 13.23 40.05
N ASN B 72 15.36 12.37 40.99
CA ASN B 72 16.21 11.24 41.34
C ASN B 72 16.24 10.19 40.23
N ASP B 73 15.06 9.81 39.73
CA ASP B 73 14.98 8.73 38.76
C ASP B 73 15.65 9.09 37.45
N THR B 74 15.64 10.36 37.07
CA THR B 74 16.37 10.79 35.89
C THR B 74 17.84 11.08 36.16
N HIS B 75 18.26 11.05 37.43
CA HIS B 75 19.62 11.38 37.82
C HIS B 75 20.02 12.75 37.30
N THR B 76 19.08 13.69 37.35
CA THR B 76 19.28 15.05 36.87
C THR B 76 18.93 16.04 37.96
N GLN B 77 19.50 17.24 37.88
CA GLN B 77 19.19 18.32 38.80
C GLN B 77 18.51 19.42 37.98
N GLU B 78 17.19 19.30 37.84
CA GLU B 78 16.41 20.25 37.06
C GLU B 78 15.25 20.76 37.90
N PRO B 79 15.12 22.08 38.07
CA PRO B 79 13.97 22.62 38.81
C PRO B 79 12.63 22.36 38.14
N SER B 80 12.62 22.12 36.82
CA SER B 80 11.37 21.92 36.10
C SER B 80 10.62 20.68 36.55
N ALA B 81 11.26 19.79 37.29
CA ALA B 81 10.61 18.62 37.85
C ALA B 81 9.71 18.95 39.02
N GLN B 82 9.75 20.20 39.51
CA GLN B 82 9.02 20.57 40.72
C GLN B 82 7.56 20.16 40.62
N GLN B 83 6.88 20.58 39.54
CA GLN B 83 5.48 20.21 39.35
C GLN B 83 5.29 18.71 39.47
N GLY B 84 6.11 17.93 38.76
CA GLY B 84 6.00 16.48 38.84
C GLY B 84 6.14 16.00 40.28
N GLU B 85 7.15 16.51 40.99
CA GLU B 85 7.30 16.14 42.39
C GLU B 85 6.04 16.47 43.17
N GLU B 86 5.48 17.66 42.94
CA GLU B 86 4.23 18.02 43.59
C GLU B 86 3.17 16.96 43.36
N VAL B 87 3.01 16.52 42.10
CA VAL B 87 2.04 15.48 41.81
C VAL B 87 2.32 14.25 42.66
N LEU B 88 3.58 13.82 42.68
CA LEU B 88 3.94 12.66 43.51
C LEU B 88 3.56 12.91 44.96
N ARG B 89 3.87 14.10 45.47
CA ARG B 89 3.50 14.42 46.84
C ARG B 89 2.00 14.29 47.04
N GLN B 90 1.21 14.81 46.09
CA GLN B 90 -0.24 14.67 46.19
C GLN B 90 -0.63 13.20 46.16
N LEU B 91 0.01 12.41 45.29
CA LEU B 91 -0.30 11.00 45.22
C LEU B 91 0.04 10.30 46.53
N GLN B 92 1.01 10.84 47.28
CA GLN B 92 1.33 10.28 48.59
C GLN B 92 0.30 10.71 49.63
N THR B 93 -0.25 11.92 49.49
CA THR B 93 -1.14 12.44 50.52
C THR B 93 -2.53 11.83 50.45
N LEU B 94 -3.02 11.54 49.24
CA LEU B 94 -4.40 11.09 49.09
C LEU B 94 -4.59 9.61 49.40
N ALA B 95 -3.51 8.82 49.43
CA ALA B 95 -3.66 7.41 49.76
C ALA B 95 -4.14 7.18 51.19
N PRO B 96 -3.57 7.79 52.23
CA PRO B 96 -4.11 7.56 53.58
C PRO B 96 -5.51 8.09 53.79
N LYS B 97 -5.97 9.04 52.97
CA LYS B 97 -7.29 9.63 53.17
C LYS B 97 -8.42 8.64 52.92
N GLY B 98 -8.13 7.49 52.32
CA GLY B 98 -9.16 6.50 52.02
C GLY B 98 -9.36 6.24 50.55
N VAL B 99 -8.62 6.88 49.65
CA VAL B 99 -8.77 6.66 48.22
C VAL B 99 -8.09 5.34 47.84
N ASN B 100 -8.81 4.50 47.10
CA ASN B 100 -8.27 3.21 46.66
C ASN B 100 -7.39 3.45 45.43
N VAL B 101 -6.15 3.84 45.69
CA VAL B 101 -5.20 4.09 44.61
C VAL B 101 -4.72 2.76 44.05
N ARG B 102 -4.84 2.60 42.74
CA ARG B 102 -4.40 1.39 42.05
C ARG B 102 -3.64 1.80 40.81
N ILE B 103 -2.42 1.29 40.65
CA ILE B 103 -1.53 1.68 39.57
C ILE B 103 -1.07 0.44 38.84
N ALA B 104 -1.29 0.40 37.53
CA ALA B 104 -0.79 -0.65 36.66
C ALA B 104 0.34 -0.08 35.82
N VAL B 105 1.55 -0.59 36.02
CA VAL B 105 2.74 -0.11 35.34
C VAL B 105 3.45 -1.31 34.73
N SER B 106 3.88 -1.18 33.48
CA SER B 106 4.54 -2.28 32.79
C SER B 106 5.85 -2.64 33.49
N LYS B 107 6.16 -3.93 33.49
CA LYS B 107 7.37 -4.40 34.16
C LYS B 107 8.60 -3.92 33.40
N PRO B 108 9.53 -3.25 34.07
CA PRO B 108 10.75 -2.79 33.38
C PRO B 108 11.60 -3.96 32.90
N SER B 109 12.32 -3.72 31.80
CA SER B 109 13.18 -4.77 31.27
C SER B 109 14.29 -5.14 32.24
N GLY B 110 14.90 -4.15 32.89
CA GLY B 110 15.94 -4.39 33.85
C GLY B 110 15.47 -4.19 35.27
N PRO B 111 16.29 -4.61 36.25
CA PRO B 111 15.95 -4.44 37.66
C PRO B 111 16.37 -3.07 38.21
N GLN B 112 16.00 -2.01 37.50
CA GLN B 112 16.32 -0.67 37.95
C GLN B 112 15.48 -0.29 39.16
N PRO B 113 16.03 0.54 40.05
CA PRO B 113 15.26 0.95 41.24
C PRO B 113 14.04 1.77 40.85
N GLN B 114 12.99 1.66 41.68
CA GLN B 114 11.72 2.35 41.44
C GLN B 114 11.34 3.08 42.72
N ALA B 115 11.80 4.32 42.85
CA ALA B 115 11.56 5.08 44.08
C ALA B 115 10.09 5.44 44.23
N ASP B 116 9.48 5.95 43.16
CA ASP B 116 8.11 6.45 43.24
C ASP B 116 7.13 5.33 43.54
N LEU B 117 7.28 4.18 42.87
CA LEU B 117 6.34 3.09 43.06
C LEU B 117 6.40 2.54 44.48
N GLN B 118 7.60 2.40 45.04
CA GLN B 118 7.70 1.93 46.43
C GLN B 118 7.23 3.01 47.40
N ALA B 119 7.43 4.29 47.07
CA ALA B 119 6.95 5.36 47.94
C ALA B 119 5.42 5.37 48.00
N LEU B 120 4.77 5.08 46.89
CA LEU B 120 3.31 4.95 46.92
C LEU B 120 2.86 3.63 47.53
N LEU B 121 3.66 2.56 47.36
CA LEU B 121 3.29 1.28 47.96
C LEU B 121 3.30 1.34 49.47
N GLN B 122 4.31 1.99 50.05
CA GLN B 122 4.36 2.10 51.51
C GLN B 122 3.23 2.97 52.05
N SER B 123 2.76 3.94 51.25
CA SER B 123 1.65 4.78 51.68
C SER B 123 0.33 4.00 51.68
N GLY B 124 0.18 3.04 50.78
CA GLY B 124 -1.04 2.24 50.73
C GLY B 124 -1.62 2.10 49.34
N ALA B 125 -0.87 2.51 48.33
CA ALA B 125 -1.31 2.43 46.94
C ALA B 125 -0.97 1.06 46.38
N GLN B 126 -1.99 0.31 45.95
CA GLN B 126 -1.75 -1.00 45.37
C GLN B 126 -1.08 -0.85 44.01
N VAL B 127 -0.02 -1.61 43.80
CA VAL B 127 0.73 -1.60 42.54
C VAL B 127 0.85 -3.03 42.04
N ARG B 128 0.49 -3.25 40.77
CA ARG B 128 0.61 -4.55 40.14
C ARG B 128 1.52 -4.43 38.93
N MET B 129 2.49 -5.33 38.83
CA MET B 129 3.52 -5.27 37.79
C MET B 129 3.07 -6.14 36.62
N VAL B 130 2.38 -5.51 35.66
CA VAL B 130 1.96 -6.23 34.46
C VAL B 130 3.13 -6.35 33.51
N ASP B 131 3.33 -7.54 32.97
CA ASP B 131 4.47 -7.84 32.10
C ASP B 131 3.94 -8.21 30.72
N MET B 132 3.92 -7.22 29.81
CA MET B 132 3.39 -7.46 28.47
C MET B 132 4.31 -8.34 27.64
N GLN B 133 5.61 -8.36 27.96
CA GLN B 133 6.55 -9.13 27.15
C GLN B 133 6.24 -10.63 27.21
N LYS B 134 5.86 -11.11 28.38
CA LYS B 134 5.62 -12.57 28.52
C LYS B 134 4.18 -12.93 28.15
N LEU B 135 3.36 -11.95 27.78
CA LEU B 135 1.92 -12.25 27.54
C LEU B 135 1.59 -12.12 26.05
N THR B 136 1.94 -10.99 25.43
CA THR B 136 1.59 -10.77 24.01
C THR B 136 2.79 -10.23 23.27
N HIS B 137 3.93 -10.09 23.94
CA HIS B 137 5.20 -9.70 23.28
C HIS B 137 5.17 -8.20 22.96
N GLY B 138 5.19 -7.38 24.01
CA GLY B 138 5.17 -5.93 23.85
C GLY B 138 5.34 -5.25 25.17
N VAL B 139 4.85 -4.02 25.26
CA VAL B 139 4.86 -3.24 26.49
C VAL B 139 3.45 -2.69 26.72
N LEU B 140 3.24 -2.14 27.91
CA LEU B 140 1.96 -1.53 28.29
C LEU B 140 2.14 -0.01 28.25
N ALA B 141 1.74 0.59 27.13
CA ALA B 141 1.94 2.01 26.89
C ALA B 141 0.63 2.79 26.93
N THR B 142 -0.34 2.31 27.71
CA THR B 142 -1.61 3.01 27.90
C THR B 142 -1.47 3.95 29.09
N LYS B 143 -1.67 5.24 28.80
CA LYS B 143 -1.58 6.29 29.84
C LYS B 143 -2.96 6.91 30.05
N PHE B 144 -3.65 6.55 31.14
CA PHE B 144 -4.95 7.16 31.39
C PHE B 144 -5.25 7.12 32.88
N TRP B 145 -6.19 7.98 33.28
CA TRP B 145 -6.65 8.08 34.66
C TRP B 145 -8.15 7.87 34.72
N VAL B 146 -8.62 7.35 35.85
CA VAL B 146 -10.03 7.25 36.19
C VAL B 146 -10.16 7.74 37.62
N VAL B 147 -10.78 8.90 37.81
CA VAL B 147 -10.83 9.56 39.11
C VAL B 147 -12.27 9.52 39.60
N ASP B 148 -12.50 8.82 40.73
CA ASP B 148 -13.82 8.64 41.33
C ASP B 148 -14.82 7.98 40.39
N GLN B 149 -14.35 7.43 39.26
CA GLN B 149 -15.19 6.75 38.29
C GLN B 149 -16.28 7.68 37.74
N THR B 150 -15.99 8.99 37.77
CA THR B 150 -16.88 9.98 37.16
C THR B 150 -16.12 10.82 36.14
N HIS B 151 -14.89 11.19 36.47
CA HIS B 151 -13.99 11.87 35.55
C HIS B 151 -12.97 10.87 35.02
N PHE B 152 -12.31 11.25 33.93
CA PHE B 152 -11.19 10.46 33.47
C PHE B 152 -10.25 11.33 32.63
N TYR B 153 -9.04 10.83 32.44
CA TYR B 153 -8.05 11.46 31.59
C TYR B 153 -7.55 10.45 30.57
N LEU B 154 -7.29 10.93 29.36
CA LEU B 154 -6.75 10.07 28.31
C LEU B 154 -5.87 10.91 27.40
N GLY B 155 -4.59 10.60 27.35
CA GLY B 155 -3.68 11.38 26.53
C GLY B 155 -2.34 10.71 26.39
N SER B 156 -1.37 11.49 25.91
CA SER B 156 -0.03 11.00 25.66
C SER B 156 0.94 11.33 26.79
N ALA B 157 0.41 11.63 27.98
CA ALA B 157 1.25 12.04 29.10
C ALA B 157 1.60 10.81 29.93
N ASN B 158 2.88 10.44 29.93
CA ASN B 158 3.36 9.43 30.86
C ASN B 158 3.44 10.02 32.26
N MET B 159 3.49 9.15 33.27
CA MET B 159 3.57 9.60 34.68
C MET B 159 4.99 10.07 34.94
N ASP B 160 5.37 11.13 34.27
CA ASP B 160 6.74 11.65 34.33
C ASP B 160 6.71 13.17 34.45
N TRP B 161 7.75 13.72 35.08
CA TRP B 161 7.87 15.17 35.15
C TRP B 161 8.24 15.76 33.79
N ARG B 162 9.05 15.04 33.02
CA ARG B 162 9.35 15.48 31.66
C ARG B 162 8.09 15.51 30.81
N SER B 163 7.18 14.58 31.09
CA SER B 163 5.92 14.55 30.32
C SER B 163 5.14 15.81 30.66
N LEU B 164 5.11 16.15 31.95
CA LEU B 164 4.34 17.32 32.36
C LEU B 164 4.95 18.62 31.86
N THR B 165 6.27 18.72 31.80
CA THR B 165 6.90 19.99 31.45
C THR B 165 7.76 19.94 30.21
N GLN B 166 8.58 18.90 30.04
CA GLN B 166 9.62 18.94 29.02
C GLN B 166 9.16 18.52 27.63
N VAL B 167 8.09 17.73 27.52
CA VAL B 167 7.58 17.33 26.22
C VAL B 167 6.16 17.84 26.06
N LYS B 168 5.70 17.88 24.82
CA LYS B 168 4.38 18.38 24.47
C LYS B 168 3.40 17.22 24.41
N GLU B 169 2.19 17.44 24.93
CA GLU B 169 1.16 16.42 25.00
C GLU B 169 -0.14 16.91 24.40
N LEU B 170 -1.06 15.97 24.22
CA LEU B 170 -2.44 16.27 23.85
C LEU B 170 -3.32 15.23 24.51
N GLY B 171 -4.20 15.67 25.41
CA GLY B 171 -5.07 14.74 26.10
C GLY B 171 -6.40 15.37 26.41
N VAL B 172 -7.33 14.52 26.83
CA VAL B 172 -8.68 14.95 27.20
C VAL B 172 -8.88 14.64 28.66
N VAL B 173 -9.34 15.64 29.42
CA VAL B 173 -9.89 15.43 30.75
C VAL B 173 -11.40 15.58 30.60
N MET B 174 -12.12 14.52 30.94
CA MET B 174 -13.55 14.44 30.67
C MET B 174 -14.26 14.29 32.01
N TYR B 175 -14.96 15.37 32.38
CA TYR B 175 -15.58 15.43 33.72
C TYR B 175 -17.02 15.03 33.69
N ASN B 176 -17.54 14.70 34.87
CA ASN B 176 -18.97 14.34 35.00
C ASN B 176 -19.39 13.39 33.87
N CYS B 177 -18.75 12.23 33.73
CA CYS B 177 -19.19 11.24 32.71
C CYS B 177 -19.12 9.83 33.28
N SER B 178 -19.87 9.57 34.34
CA SER B 178 -19.76 8.26 34.99
C SER B 178 -19.78 7.14 33.95
N CYS B 179 -20.55 7.29 32.88
CA CYS B 179 -20.68 6.16 31.92
C CYS B 179 -19.39 5.99 31.12
N LEU B 180 -18.76 7.08 30.70
CA LEU B 180 -17.56 6.89 29.87
C LEU B 180 -16.39 6.61 30.83
N ALA B 181 -16.53 6.97 32.09
CA ALA B 181 -15.48 6.68 33.07
C ALA B 181 -15.41 5.20 33.40
N ARG B 182 -16.56 4.56 33.60
CA ARG B 182 -16.54 3.14 33.90
C ARG B 182 -16.22 2.31 32.66
N ASP B 183 -16.59 2.78 31.48
CA ASP B 183 -16.20 2.02 30.27
C ASP B 183 -14.69 2.09 30.13
N LEU B 184 -14.07 3.21 30.47
CA LEU B 184 -12.61 3.26 30.46
C LEU B 184 -12.01 2.39 31.56
N THR B 185 -12.59 2.40 32.76
CA THR B 185 -12.03 1.59 33.87
C THR B 185 -12.00 0.17 33.42
N LYS B 186 -13.05 -0.28 32.77
CA LYS B 186 -13.08 -1.70 32.43
C LYS B 186 -11.74 -2.15 31.88
N ILE B 187 -11.10 -1.31 31.07
CA ILE B 187 -9.78 -1.62 30.53
C ILE B 187 -8.75 -1.72 31.67
N PHE B 188 -8.82 -0.80 32.63
CA PHE B 188 -7.90 -0.86 33.76
C PHE B 188 -8.15 -2.11 34.59
N GLU B 189 -9.42 -2.51 34.75
CA GLU B 189 -9.72 -3.75 35.45
C GLU B 189 -9.12 -4.95 34.72
N ALA B 190 -9.20 -4.95 33.39
CA ALA B 190 -8.59 -6.02 32.62
C ALA B 190 -7.08 -6.06 32.83
N TYR B 191 -6.44 -4.89 32.83
CA TYR B 191 -4.99 -4.85 33.08
C TYR B 191 -4.66 -5.32 34.49
N TRP B 192 -5.48 -4.92 35.47
CA TRP B 192 -5.26 -5.31 36.86
C TRP B 192 -5.33 -6.82 37.03
N PHE B 193 -6.39 -7.44 36.50
CA PHE B 193 -6.54 -8.88 36.64
C PHE B 193 -5.50 -9.63 35.81
N LEU B 194 -5.16 -9.09 34.64
CA LEU B 194 -4.29 -9.81 33.71
C LEU B 194 -2.84 -9.78 34.14
N GLY B 195 -2.41 -8.74 34.85
CA GLY B 195 -1.01 -8.61 35.18
C GLY B 195 -0.68 -8.63 36.66
N GLN B 196 -1.39 -9.46 37.44
CA GLN B 196 -1.08 -9.54 38.86
C GLN B 196 0.11 -10.47 39.12
N ALA B 197 -0.07 -11.76 38.85
CA ALA B 197 1.00 -12.75 38.97
C ALA B 197 0.56 -14.09 38.39
N GLY B 198 1.41 -14.71 37.58
CA GLY B 198 1.14 -16.04 37.09
C GLY B 198 0.08 -16.13 36.02
N SER B 199 -1.06 -15.48 36.25
CA SER B 199 -2.21 -15.61 35.35
C SER B 199 -1.87 -15.08 33.96
N SER B 200 -2.41 -15.74 32.95
CA SER B 200 -2.20 -15.40 31.55
C SER B 200 -3.50 -14.91 30.93
N ILE B 201 -3.45 -14.61 29.63
CA ILE B 201 -4.60 -14.09 28.91
C ILE B 201 -5.65 -15.19 28.79
N PRO B 202 -6.88 -14.95 29.26
CA PRO B 202 -7.93 -15.96 29.09
C PRO B 202 -8.32 -16.12 27.63
N SER B 203 -8.74 -17.32 27.26
CA SER B 203 -9.20 -17.52 25.87
C SER B 203 -10.40 -16.60 25.64
N THR B 204 -11.39 -16.67 26.54
CA THR B 204 -12.58 -15.85 26.39
C THR B 204 -12.66 -14.91 27.59
N TRP B 205 -12.76 -13.61 27.32
CA TRP B 205 -12.80 -12.64 28.40
C TRP B 205 -14.12 -12.75 29.17
N PRO B 206 -14.09 -12.64 30.49
CA PRO B 206 -15.33 -12.70 31.26
C PRO B 206 -16.22 -11.51 30.97
N ARG B 207 -17.52 -11.69 31.23
CA ARG B 207 -18.50 -10.67 30.90
C ARG B 207 -18.24 -9.37 31.66
N PHE B 208 -17.50 -9.44 32.77
CA PHE B 208 -17.23 -8.24 33.55
C PHE B 208 -16.46 -7.21 32.74
N TYR B 209 -15.60 -7.65 31.83
CA TYR B 209 -14.81 -6.75 31.01
C TYR B 209 -15.47 -6.41 29.68
N ASP B 210 -16.60 -7.01 29.37
CA ASP B 210 -17.29 -6.74 28.11
C ASP B 210 -17.92 -5.35 28.13
N THR B 211 -18.02 -4.75 26.95
CA THR B 211 -18.59 -3.42 26.79
C THR B 211 -19.66 -3.45 25.70
N ARG B 212 -20.54 -2.45 25.74
CA ARG B 212 -21.64 -2.35 24.81
C ARG B 212 -21.50 -1.18 23.83
N TYR B 213 -20.59 -0.26 24.08
CA TYR B 213 -20.45 0.97 23.29
C TYR B 213 -19.23 0.82 22.38
N ASN B 214 -19.47 0.32 21.16
CA ASN B 214 -18.44 0.11 20.16
C ASN B 214 -18.77 0.91 18.90
N GLN B 215 -18.04 0.64 17.83
CA GLN B 215 -18.14 1.46 16.62
C GLN B 215 -19.54 1.45 16.03
N GLU B 216 -20.15 0.27 15.93
CA GLU B 216 -21.47 0.18 15.32
C GLU B 216 -22.54 0.82 16.19
N THR B 217 -22.39 0.75 17.51
CA THR B 217 -23.34 1.35 18.45
C THR B 217 -22.57 2.20 19.45
N PRO B 218 -22.13 3.40 19.06
CA PRO B 218 -21.41 4.26 20.00
C PRO B 218 -22.33 4.80 21.08
N MET B 219 -21.75 5.54 22.03
CA MET B 219 -22.50 6.02 23.19
C MET B 219 -22.95 7.46 22.97
N GLU B 220 -24.21 7.74 23.29
CA GLU B 220 -24.76 9.08 23.19
C GLU B 220 -24.53 9.84 24.48
N ILE B 221 -23.86 10.99 24.38
CA ILE B 221 -23.58 11.81 25.55
C ILE B 221 -24.04 13.24 25.27
N CYS B 222 -24.29 13.97 26.37
CA CYS B 222 -24.60 15.39 26.29
C CYS B 222 -23.33 16.20 26.45
N LEU B 223 -22.47 16.08 25.44
CA LEU B 223 -21.16 16.74 25.44
C LEU B 223 -21.36 18.24 25.30
N ASN B 224 -21.29 18.94 26.42
CA ASN B 224 -21.55 20.39 26.48
C ASN B 224 -22.94 20.72 25.93
N GLY B 225 -23.93 19.92 26.29
CA GLY B 225 -25.30 20.16 25.87
C GLY B 225 -25.66 19.47 24.57
N THR B 226 -24.95 19.79 23.50
CA THR B 226 -25.24 19.19 22.21
C THR B 226 -24.93 17.69 22.24
N PRO B 227 -25.83 16.85 21.74
CA PRO B 227 -25.56 15.40 21.76
C PRO B 227 -24.39 15.03 20.87
N ALA B 228 -23.68 13.98 21.28
CA ALA B 228 -22.51 13.52 20.55
C ALA B 228 -22.39 12.01 20.72
N LEU B 229 -21.68 11.39 19.78
CA LEU B 229 -21.45 9.95 19.77
C LEU B 229 -19.98 9.69 20.07
N ALA B 230 -19.71 9.06 21.20
CA ALA B 230 -18.34 8.81 21.63
C ALA B 230 -18.20 7.36 22.07
N TYR B 231 -17.00 6.83 21.87
CA TYR B 231 -16.67 5.49 22.37
C TYR B 231 -15.17 5.29 22.35
N LEU B 232 -14.71 4.32 23.12
CA LEU B 232 -13.29 4.03 23.28
C LEU B 232 -12.89 2.76 22.56
N ALA B 233 -11.66 2.74 22.08
CA ALA B 233 -11.08 1.60 21.38
C ALA B 233 -9.81 1.17 22.10
N SER B 234 -9.59 -0.16 22.14
CA SER B 234 -8.45 -0.72 22.92
C SER B 234 -7.54 -1.65 22.10
N ALA B 235 -6.36 -1.93 22.64
CA ALA B 235 -5.37 -2.82 21.96
C ALA B 235 -4.46 -3.42 23.04
N PRO B 236 -3.79 -4.58 22.84
CA PRO B 236 -3.69 -5.23 21.56
C PRO B 236 -4.86 -6.13 21.34
N PRO B 237 -5.12 -6.57 20.11
CA PRO B 237 -6.30 -7.38 19.83
C PRO B 237 -6.61 -8.52 20.82
N PRO B 238 -5.65 -9.24 21.43
CA PRO B 238 -5.99 -10.25 22.42
C PRO B 238 -6.66 -9.70 23.67
N LEU B 239 -6.10 -8.65 24.27
CA LEU B 239 -6.66 -8.06 25.52
C LEU B 239 -7.94 -7.29 25.18
N CYS B 240 -8.72 -7.77 24.21
CA CYS B 240 -9.95 -7.11 23.78
C CYS B 240 -11.14 -8.03 23.93
N PRO B 241 -12.16 -7.63 24.70
CA PRO B 241 -13.38 -8.44 24.79
C PRO B 241 -14.16 -8.43 23.49
N SER B 242 -15.28 -9.17 23.45
CA SER B 242 -16.07 -9.23 22.23
C SER B 242 -16.64 -7.86 21.87
N GLY B 243 -17.15 -7.14 22.87
CA GLY B 243 -17.77 -5.85 22.59
C GLY B 243 -16.78 -4.79 22.13
N ARG B 244 -15.60 -4.77 22.72
CA ARG B 244 -14.65 -3.69 22.47
C ARG B 244 -14.17 -3.71 21.02
N THR B 245 -14.09 -2.52 20.42
CA THR B 245 -13.64 -2.33 19.05
C THR B 245 -12.12 -2.12 19.04
N PRO B 246 -11.38 -2.87 18.23
CA PRO B 246 -9.92 -2.69 18.18
C PRO B 246 -9.54 -1.29 17.74
N ASP B 247 -8.39 -0.83 18.26
CA ASP B 247 -7.94 0.53 17.95
C ASP B 247 -7.70 0.72 16.47
N LEU B 248 -7.09 -0.27 15.82
CA LEU B 248 -6.81 -0.15 14.39
C LEU B 248 -8.09 -0.08 13.58
N LYS B 249 -9.10 -0.88 13.94
CA LYS B 249 -10.37 -0.85 13.22
C LYS B 249 -11.02 0.52 13.34
N ALA B 250 -11.04 1.09 14.54
CA ALA B 250 -11.63 2.41 14.74
C ALA B 250 -10.86 3.47 13.96
N LEU B 251 -9.54 3.41 13.99
CA LEU B 251 -8.71 4.37 13.26
C LEU B 251 -9.00 4.30 11.77
N LEU B 252 -9.08 3.08 11.23
CA LEU B 252 -9.36 2.91 9.81
C LEU B 252 -10.76 3.40 9.46
N ASN B 253 -11.74 3.13 10.33
CA ASN B 253 -13.10 3.60 10.06
C ASN B 253 -13.15 5.13 10.02
N VAL B 254 -12.45 5.78 10.94
CA VAL B 254 -12.48 7.24 10.96
C VAL B 254 -11.76 7.81 9.76
N VAL B 255 -10.62 7.23 9.38
CA VAL B 255 -9.90 7.76 8.22
C VAL B 255 -10.66 7.47 6.92
N ASP B 256 -11.51 6.44 6.92
CA ASP B 256 -12.29 6.12 5.72
C ASP B 256 -13.56 6.96 5.60
N ASN B 257 -14.21 7.26 6.72
CA ASN B 257 -15.48 7.99 6.67
C ASN B 257 -15.30 9.45 6.28
N ALA B 258 -14.10 9.99 6.39
CA ALA B 258 -13.87 11.39 6.08
C ALA B 258 -14.04 11.65 4.58
N ARG B 259 -14.56 12.83 4.25
CA ARG B 259 -14.82 13.19 2.87
C ARG B 259 -14.20 14.52 2.43
N SER B 260 -13.72 15.35 3.36
CA SER B 260 -13.15 16.64 3.00
C SER B 260 -11.66 16.73 3.34
N PHE B 261 -11.29 16.48 4.59
CA PHE B 261 -9.88 16.58 4.98
C PHE B 261 -9.60 15.61 6.13
N ILE B 262 -8.33 15.29 6.29
CA ILE B 262 -7.85 14.43 7.38
C ILE B 262 -6.56 15.05 7.90
N TYR B 263 -6.56 15.50 9.14
CA TYR B 263 -5.40 16.12 9.77
C TYR B 263 -4.86 15.17 10.83
N VAL B 264 -3.60 14.75 10.69
CA VAL B 264 -3.00 13.77 11.58
C VAL B 264 -1.78 14.39 12.22
N ALA B 265 -1.72 14.35 13.55
CA ALA B 265 -0.55 14.80 14.31
C ALA B 265 -0.16 13.66 15.23
N VAL B 266 0.86 12.90 14.84
CA VAL B 266 1.31 11.73 15.58
C VAL B 266 2.80 11.83 15.81
N MET B 267 3.26 11.22 16.91
CA MET B 267 4.68 11.28 17.25
C MET B 267 5.52 10.46 16.27
N ASN B 268 5.11 9.23 16.00
CA ASN B 268 5.84 8.35 15.11
C ASN B 268 4.86 7.62 14.21
N TYR B 269 5.07 7.69 12.90
CA TYR B 269 4.25 6.97 11.93
C TYR B 269 5.17 6.13 11.05
N LEU B 270 5.22 4.83 11.32
CA LEU B 270 6.05 3.90 10.57
C LEU B 270 5.18 2.71 10.15
N PRO B 271 5.00 2.45 8.85
CA PRO B 271 4.18 1.33 8.39
C PRO B 271 4.91 -0.01 8.41
N THR B 272 5.62 -0.28 9.50
CA THR B 272 6.39 -1.50 9.66
C THR B 272 6.17 -2.04 11.07
N LEU B 273 6.47 -3.33 11.23
CA LEU B 273 6.43 -3.97 12.54
C LEU B 273 7.81 -3.83 13.18
N GLU B 274 8.01 -2.73 13.91
CA GLU B 274 9.27 -2.47 14.56
C GLU B 274 9.39 -3.36 15.80
N PHE B 275 10.49 -3.19 16.56
CA PHE B 275 10.75 -3.92 17.79
C PHE B 275 10.70 -5.43 17.60
N SER B 276 10.85 -5.90 16.36
CA SER B 276 10.85 -7.32 16.05
C SER B 276 11.67 -7.56 14.80
N HIS B 277 12.15 -8.79 14.65
CA HIS B 277 12.95 -9.17 13.51
C HIS B 277 12.49 -10.53 13.00
N PRO B 278 12.55 -10.77 11.69
CA PRO B 278 13.05 -9.89 10.63
C PRO B 278 12.10 -8.73 10.33
N HIS B 279 12.58 -7.70 9.64
CA HIS B 279 11.75 -6.54 9.35
C HIS B 279 10.51 -6.95 8.56
N ARG B 280 9.36 -6.39 8.93
CA ARG B 280 8.09 -6.73 8.33
C ARG B 280 7.37 -5.46 7.89
N PHE B 281 6.65 -5.57 6.78
CA PHE B 281 5.92 -4.45 6.20
C PHE B 281 4.48 -4.47 6.69
N TRP B 282 3.99 -3.29 7.09
CA TRP B 282 2.66 -3.15 7.67
C TRP B 282 1.91 -2.02 6.97
N PRO B 283 1.37 -2.27 5.77
CA PRO B 283 0.62 -1.25 5.03
C PRO B 283 -0.86 -1.26 5.35
N ALA B 284 -1.22 -0.75 6.53
CA ALA B 284 -2.61 -0.68 6.95
C ALA B 284 -3.13 0.75 6.99
N ILE B 285 -2.47 1.63 7.74
CA ILE B 285 -2.85 3.03 7.74
C ILE B 285 -2.46 3.70 6.43
N ASP B 286 -1.32 3.30 5.85
CA ASP B 286 -0.87 3.88 4.60
C ASP B 286 -1.88 3.65 3.48
N ASP B 287 -2.40 2.43 3.38
CA ASP B 287 -3.38 2.11 2.35
C ASP B 287 -4.65 2.91 2.55
N GLY B 288 -5.11 3.05 3.79
CA GLY B 288 -6.29 3.85 4.05
C GLY B 288 -6.11 5.31 3.69
N LEU B 289 -4.95 5.88 4.03
CA LEU B 289 -4.67 7.26 3.68
C LEU B 289 -4.65 7.44 2.17
N ARG B 290 -3.99 6.54 1.46
CA ARG B 290 -3.93 6.64 0.00
C ARG B 290 -5.31 6.50 -0.63
N ARG B 291 -6.12 5.55 -0.13
CA ARG B 291 -7.47 5.37 -0.64
C ARG B 291 -8.30 6.63 -0.42
N ALA B 292 -8.25 7.20 0.78
CA ALA B 292 -9.04 8.38 1.07
C ALA B 292 -8.60 9.56 0.21
N THR B 293 -7.29 9.73 0.02
CA THR B 293 -6.81 10.87 -0.75
C THR B 293 -6.95 10.69 -2.25
N TYR B 294 -7.13 9.46 -2.74
CA TYR B 294 -7.25 9.23 -4.18
C TYR B 294 -8.69 9.07 -4.62
N GLU B 295 -9.42 8.12 -4.03
CA GLU B 295 -10.79 7.88 -4.45
C GLU B 295 -11.66 9.11 -4.22
N ARG B 296 -11.49 9.77 -3.08
CA ARG B 296 -12.20 10.99 -2.76
C ARG B 296 -11.21 12.15 -2.70
N GLY B 297 -11.75 13.36 -2.78
CA GLY B 297 -10.91 14.55 -2.80
C GLY B 297 -10.44 14.96 -1.43
N VAL B 298 -10.26 13.99 -0.54
CA VAL B 298 -9.84 14.29 0.83
C VAL B 298 -8.42 14.83 0.82
N LYS B 299 -8.21 15.94 1.51
CA LYS B 299 -6.88 16.52 1.67
C LYS B 299 -6.27 15.98 2.95
N VAL B 300 -5.13 15.30 2.84
CA VAL B 300 -4.47 14.65 3.96
C VAL B 300 -3.28 15.50 4.37
N ARG B 301 -3.25 15.90 5.64
CA ARG B 301 -2.15 16.68 6.20
C ARG B 301 -1.52 15.88 7.33
N LEU B 302 -0.21 15.62 7.22
CA LEU B 302 0.51 14.78 8.17
C LEU B 302 1.49 15.63 8.97
N LEU B 303 1.41 15.54 10.29
CA LEU B 303 2.28 16.29 11.19
C LEU B 303 3.01 15.28 12.09
N ILE B 304 4.23 14.92 11.72
CA ILE B 304 5.03 14.00 12.49
C ILE B 304 5.99 14.81 13.36
N SER B 305 6.50 14.18 14.41
CA SER B 305 7.48 14.79 15.29
C SER B 305 8.79 14.03 15.20
N CYS B 306 9.89 14.78 15.11
CA CYS B 306 11.22 14.21 14.96
C CYS B 306 12.11 14.67 16.10
N TRP B 307 12.85 13.74 16.68
CA TRP B 307 13.81 14.06 17.77
C TRP B 307 15.08 13.23 17.56
N GLY B 308 15.87 13.06 18.59
CA GLY B 308 17.09 12.27 18.52
C GLY B 308 16.89 10.78 18.60
N HIS B 309 15.69 10.32 18.92
CA HIS B 309 15.40 8.89 19.06
C HIS B 309 14.33 8.45 18.07
N SER B 310 14.42 8.94 16.84
CA SER B 310 13.50 8.58 15.78
C SER B 310 14.23 7.76 14.73
N GLU B 311 13.54 6.75 14.19
CA GLU B 311 14.17 5.87 13.22
C GLU B 311 14.40 6.60 11.91
N PRO B 312 15.64 6.65 11.41
CA PRO B 312 15.88 7.37 10.15
C PRO B 312 15.18 6.78 8.95
N SER B 313 14.79 5.51 9.01
CA SER B 313 14.06 4.89 7.91
C SER B 313 12.68 5.49 7.71
N MET B 314 12.11 6.11 8.75
CA MET B 314 10.75 6.62 8.67
C MET B 314 10.59 7.67 7.57
N ARG B 315 11.60 8.51 7.38
CA ARG B 315 11.55 9.48 6.28
C ARG B 315 11.33 8.78 4.95
N ALA B 316 12.01 7.65 4.73
CA ALA B 316 11.88 6.94 3.47
C ALA B 316 10.43 6.55 3.19
N PHE B 317 9.62 6.38 4.23
CA PHE B 317 8.21 6.11 4.01
C PHE B 317 7.39 7.40 3.89
N LEU B 318 7.77 8.44 4.64
CA LEU B 318 7.04 9.70 4.57
C LEU B 318 7.16 10.32 3.18
N LEU B 319 8.36 10.25 2.59
CA LEU B 319 8.53 10.72 1.21
C LEU B 319 7.66 9.92 0.25
N SER B 320 7.30 8.69 0.61
CA SER B 320 6.42 7.90 -0.24
C SER B 320 4.99 8.42 -0.22
N LEU B 321 4.64 9.24 0.76
CA LEU B 321 3.29 9.79 0.85
C LEU B 321 3.21 11.23 0.35
N ALA B 322 4.21 12.05 0.66
CA ALA B 322 4.22 13.43 0.21
C ALA B 322 4.35 13.55 -1.29
N ALA B 323 4.86 12.52 -1.96
CA ALA B 323 5.04 12.55 -3.40
C ALA B 323 3.79 12.13 -4.17
N LEU B 324 2.72 11.79 -3.46
CA LEU B 324 1.47 11.36 -4.11
C LEU B 324 0.51 12.55 -4.05
N ARG B 325 0.55 13.37 -5.10
CA ARG B 325 -0.36 14.50 -5.22
C ARG B 325 -0.39 14.93 -6.69
N ASP B 326 -1.57 14.96 -7.29
CA ASP B 326 -1.71 15.31 -8.69
C ASP B 326 -3.03 16.02 -8.90
N ASN B 327 -3.26 16.46 -10.13
CA ASN B 327 -4.46 17.21 -10.47
C ASN B 327 -5.60 16.34 -10.97
N HIS B 328 -5.28 15.27 -11.71
CA HIS B 328 -6.33 14.49 -12.37
C HIS B 328 -7.29 13.87 -11.36
N THR B 329 -6.76 13.29 -10.28
CA THR B 329 -7.58 12.81 -9.19
C THR B 329 -7.67 13.81 -8.05
N HIS B 330 -7.06 14.99 -8.21
CA HIS B 330 -7.08 16.05 -7.21
C HIS B 330 -6.51 15.57 -5.88
N SER B 331 -5.51 14.68 -5.95
CA SER B 331 -4.86 14.19 -4.75
C SER B 331 -4.06 15.29 -4.09
N ASP B 332 -4.06 15.30 -2.75
CA ASP B 332 -3.37 16.33 -1.99
C ASP B 332 -2.96 15.74 -0.65
N ILE B 333 -1.69 15.37 -0.54
CA ILE B 333 -1.09 14.94 0.72
C ILE B 333 0.11 15.82 1.01
N GLN B 334 0.14 16.41 2.20
CA GLN B 334 1.25 17.22 2.66
C GLN B 334 1.76 16.65 3.98
N VAL B 335 3.08 16.52 4.08
CA VAL B 335 3.73 15.95 5.25
C VAL B 335 4.64 17.01 5.87
N LYS B 336 4.52 17.20 7.18
CA LYS B 336 5.32 18.17 7.90
C LYS B 336 5.87 17.54 9.17
N LEU B 337 7.03 18.00 9.59
CA LEU B 337 7.70 17.55 10.79
C LEU B 337 7.63 18.63 11.86
N PHE B 338 7.12 18.29 13.04
CA PHE B 338 7.06 19.23 14.16
C PHE B 338 8.17 18.86 15.14
N VAL B 339 9.19 19.70 15.22
CA VAL B 339 10.37 19.44 16.03
C VAL B 339 10.43 20.47 17.13
N VAL B 340 10.45 20.00 18.38
CA VAL B 340 10.51 20.88 19.54
C VAL B 340 11.95 21.34 19.74
N PRO B 341 12.22 22.65 19.68
CA PRO B 341 13.60 23.12 19.84
C PRO B 341 14.15 22.80 21.21
N ALA B 342 15.45 22.57 21.27
CA ALA B 342 16.14 22.28 22.51
C ALA B 342 17.43 23.09 22.58
N ASP B 343 17.88 23.37 23.80
CA ASP B 343 19.09 24.14 24.04
C ASP B 343 20.11 23.25 24.77
N GLU B 344 21.22 23.87 25.17
CA GLU B 344 22.26 23.13 25.89
C GLU B 344 21.75 22.62 27.23
N ALA B 345 20.97 23.44 27.94
CA ALA B 345 20.46 23.03 29.25
C ALA B 345 19.53 21.84 29.14
N GLN B 346 18.64 21.84 28.16
CA GLN B 346 17.70 20.74 28.00
C GLN B 346 18.27 19.56 27.24
N ALA B 347 19.48 19.69 26.68
CA ALA B 347 20.07 18.59 25.94
C ALA B 347 20.48 17.45 26.86
N ARG B 348 20.92 17.76 28.07
CA ARG B 348 21.41 16.73 28.98
C ARG B 348 20.28 15.89 29.56
N ILE B 349 19.05 16.37 29.51
CA ILE B 349 17.92 15.59 30.02
C ILE B 349 17.61 14.46 29.05
N PRO B 350 17.54 13.20 29.51
CA PRO B 350 17.19 12.12 28.60
C PRO B 350 15.72 12.16 28.23
N TYR B 351 15.44 11.94 26.95
CA TYR B 351 14.07 12.01 26.41
C TYR B 351 13.43 13.35 26.74
N ALA B 352 14.16 14.42 26.46
CA ALA B 352 13.80 15.74 26.99
C ALA B 352 12.71 16.42 26.18
N ARG B 353 12.98 16.67 24.89
CA ARG B 353 12.12 17.52 24.08
C ARG B 353 11.58 16.72 22.91
N VAL B 354 10.25 16.62 22.84
CA VAL B 354 9.58 15.94 21.73
C VAL B 354 8.11 16.36 21.76
N ASN B 355 7.45 16.25 20.61
CA ASN B 355 6.01 16.47 20.51
C ASN B 355 5.35 15.10 20.50
N ALA B 356 4.77 14.71 21.63
CA ALA B 356 4.26 13.36 21.81
C ALA B 356 2.78 13.24 21.49
N ASN B 357 2.15 14.29 20.96
CA ASN B 357 0.73 14.24 20.66
C ASN B 357 0.43 13.17 19.61
N LYS B 358 -0.61 12.38 19.86
CA LYS B 358 -1.02 11.32 18.95
C LYS B 358 -2.53 11.43 18.75
N TYR B 359 -2.94 12.08 17.66
CA TYR B 359 -4.36 12.29 17.40
C TYR B 359 -4.58 12.62 15.93
N MET B 360 -5.84 12.65 15.54
CA MET B 360 -6.22 13.13 14.22
C MET B 360 -7.64 13.68 14.28
N VAL B 361 -7.95 14.54 13.33
CA VAL B 361 -9.25 15.21 13.25
C VAL B 361 -9.68 15.29 11.80
N THR B 362 -10.96 15.02 11.55
CA THR B 362 -11.56 15.17 10.23
C THR B 362 -12.65 16.23 10.32
N GLU B 363 -13.39 16.37 9.22
CA GLU B 363 -14.50 17.34 9.21
C GLU B 363 -15.74 16.82 9.90
N ARG B 364 -15.69 15.56 10.35
CA ARG B 364 -16.90 14.93 10.93
C ARG B 364 -16.58 14.05 12.13
N ALA B 365 -15.31 13.93 12.53
CA ALA B 365 -14.94 13.04 13.62
C ALA B 365 -13.59 13.45 14.18
N THR B 366 -13.32 12.99 15.40
CA THR B 366 -12.04 13.24 16.05
C THR B 366 -11.59 11.99 16.80
N TYR B 367 -10.28 11.71 16.70
CA TYR B 367 -9.64 10.54 17.26
C TYR B 367 -8.47 11.00 18.12
N ILE B 368 -8.44 10.57 19.38
CA ILE B 368 -7.34 10.92 20.28
C ILE B 368 -6.80 9.65 20.91
N GLY B 369 -5.55 9.31 20.61
CA GLY B 369 -4.97 8.05 21.03
C GLY B 369 -3.78 8.24 21.95
N THR B 370 -3.27 7.11 22.43
CA THR B 370 -2.15 7.08 23.37
C THR B 370 -0.93 6.38 22.80
N SER B 371 -1.00 5.86 21.58
CA SER B 371 0.08 5.08 21.00
C SER B 371 0.46 5.64 19.64
N ASN B 372 1.74 5.47 19.29
CA ASN B 372 2.23 5.93 18.00
C ASN B 372 1.69 5.03 16.88
N TRP B 373 1.80 5.53 15.65
CA TRP B 373 1.21 4.85 14.49
C TRP B 373 2.25 3.91 13.90
N SER B 374 2.42 2.77 14.57
CA SER B 374 3.30 1.71 14.10
C SER B 374 2.61 0.37 14.37
N GLY B 375 3.11 -0.67 13.71
CA GLY B 375 2.45 -1.97 13.79
C GLY B 375 2.41 -2.54 15.20
N ASN B 376 3.45 -2.27 15.97
CA ASN B 376 3.51 -2.86 17.33
C ASN B 376 2.35 -2.31 18.14
N TYR B 377 2.17 -1.00 18.14
CA TYR B 377 1.19 -0.37 19.00
C TYR B 377 -0.23 -0.82 18.70
N PHE B 378 -0.42 -1.54 17.61
CA PHE B 378 -1.81 -1.91 17.24
C PHE B 378 -1.94 -3.42 17.27
N THR B 379 -0.84 -4.15 17.38
CA THR B 379 -0.90 -5.63 17.32
C THR B 379 -0.32 -6.25 18.56
N GLU B 380 0.63 -5.58 19.21
CA GLU B 380 1.31 -6.15 20.40
C GLU B 380 1.23 -5.16 21.57
N THR B 381 1.72 -3.94 21.38
CA THR B 381 1.71 -2.96 22.48
C THR B 381 0.28 -2.62 22.78
N ALA B 382 -0.04 -2.44 24.05
CA ALA B 382 -1.36 -2.04 24.49
C ALA B 382 -1.57 -0.54 24.28
N GLY B 383 -2.83 -0.17 24.06
CA GLY B 383 -3.15 1.24 23.86
C GLY B 383 -4.64 1.46 23.94
N THR B 384 -5.01 2.72 24.14
CA THR B 384 -6.40 3.10 24.22
C THR B 384 -6.60 4.43 23.49
N SER B 385 -7.77 4.58 22.87
CA SER B 385 -8.09 5.79 22.14
C SER B 385 -9.55 6.14 22.33
N LEU B 386 -9.86 7.42 22.16
CA LEU B 386 -11.21 7.95 22.30
C LEU B 386 -11.66 8.50 20.95
N LEU B 387 -12.89 8.19 20.57
CA LEU B 387 -13.48 8.61 19.31
C LEU B 387 -14.74 9.42 19.60
N VAL B 388 -14.81 10.62 19.04
CA VAL B 388 -15.94 11.52 19.26
C VAL B 388 -16.42 12.06 17.92
N THR B 389 -17.72 12.00 17.69
CA THR B 389 -18.36 12.57 16.50
C THR B 389 -19.55 13.40 16.96
N GLN B 390 -19.53 14.69 16.67
CA GLN B 390 -20.58 15.61 17.08
C GLN B 390 -21.26 16.19 15.85
N ASN B 391 -22.58 16.12 15.81
CA ASN B 391 -23.36 16.64 14.70
C ASN B 391 -23.63 18.12 14.96
N GLY B 392 -22.92 18.98 14.25
CA GLY B 392 -23.10 20.41 14.40
C GLY B 392 -21.80 21.14 14.12
N ARG B 393 -21.92 22.48 14.09
CA ARG B 393 -20.74 23.34 13.87
C ARG B 393 -20.18 23.74 15.23
N GLY B 394 -18.87 23.62 15.42
CA GLY B 394 -18.22 23.92 16.68
C GLY B 394 -18.21 22.73 17.62
N GLY B 395 -17.56 22.94 18.75
CA GLY B 395 -17.48 21.89 19.76
C GLY B 395 -16.11 21.29 19.92
N LEU B 396 -16.06 20.03 20.37
CA LEU B 396 -14.78 19.36 20.59
C LEU B 396 -13.99 19.22 19.29
N ARG B 397 -14.67 18.82 18.21
CA ARG B 397 -14.00 18.63 16.94
C ARG B 397 -13.41 19.94 16.43
N SER B 398 -14.16 21.04 16.56
CA SER B 398 -13.64 22.34 16.12
C SER B 398 -12.44 22.76 16.96
N GLN B 399 -12.49 22.51 18.27
CA GLN B 399 -11.35 22.86 19.13
C GLN B 399 -10.12 22.08 18.73
N LEU B 400 -10.25 20.78 18.46
CA LEU B 400 -9.09 20.01 18.05
C LEU B 400 -8.60 20.42 16.67
N GLU B 401 -9.52 20.78 15.76
CA GLU B 401 -9.08 21.28 14.46
C GLU B 401 -8.31 22.58 14.59
N ALA B 402 -8.76 23.47 15.48
CA ALA B 402 -8.02 24.71 15.72
C ALA B 402 -6.65 24.41 16.32
N ILE B 403 -6.57 23.44 17.22
CA ILE B 403 -5.29 23.04 17.79
C ILE B 403 -4.35 22.54 16.69
N PHE B 404 -4.86 21.69 15.81
CA PHE B 404 -4.04 21.16 14.73
C PHE B 404 -3.59 22.27 13.79
N LEU B 405 -4.47 23.23 13.48
CA LEU B 405 -4.00 24.24 12.52
C LEU B 405 -2.98 25.14 13.23
N ARG B 406 -3.18 25.43 14.52
CA ARG B 406 -2.14 26.19 15.21
C ARG B 406 -0.80 25.46 15.15
N ASP B 407 -0.82 24.15 15.33
CA ASP B 407 0.40 23.36 15.22
C ASP B 407 0.98 23.42 13.81
N TRP B 408 0.11 23.33 12.80
CA TRP B 408 0.55 23.23 11.41
C TRP B 408 1.28 24.49 10.96
N ASP B 409 0.75 25.65 11.32
CA ASP B 409 1.35 26.93 10.92
C ASP B 409 2.37 27.43 11.91
N SER B 410 2.69 26.66 12.95
CA SER B 410 3.68 27.08 13.92
C SER B 410 5.06 27.15 13.29
N PRO B 411 5.93 28.03 13.79
CA PRO B 411 7.30 28.08 13.26
C PRO B 411 8.08 26.79 13.49
N TYR B 412 7.65 25.94 14.42
CA TYR B 412 8.33 24.69 14.70
C TYR B 412 7.98 23.59 13.71
N SER B 413 6.99 23.79 12.85
CA SER B 413 6.62 22.80 11.84
C SER B 413 7.31 23.13 10.53
N HIS B 414 8.00 22.15 9.97
CA HIS B 414 8.83 22.34 8.79
C HIS B 414 8.49 21.29 7.74
N ASP B 415 8.94 21.53 6.52
CA ASP B 415 8.73 20.60 5.42
C ASP B 415 9.78 19.49 5.46
N LEU B 416 9.50 18.41 4.70
CA LEU B 416 10.40 17.27 4.68
C LEU B 416 11.73 17.55 3.99
N ASP B 417 11.84 18.66 3.25
CA ASP B 417 13.07 19.03 2.58
C ASP B 417 13.91 20.00 3.40
N THR B 418 13.49 20.29 4.63
CA THR B 418 14.21 21.25 5.46
C THR B 418 15.58 20.72 5.87
N SER B 419 16.55 21.63 5.96
CA SER B 419 17.88 21.26 6.42
C SER B 419 17.86 21.00 7.92
N ALA B 420 18.52 19.92 8.34
CA ALA B 420 18.47 19.53 9.75
C ALA B 420 19.11 20.57 10.65
N ASP B 421 20.22 21.16 10.22
CA ASP B 421 20.92 22.14 11.06
C ASP B 421 20.08 23.38 11.29
N SER B 422 19.17 23.71 10.37
CA SER B 422 18.31 24.88 10.54
C SER B 422 17.38 24.71 11.74
N VAL B 423 16.84 23.49 11.93
CA VAL B 423 15.96 23.24 13.05
C VAL B 423 16.75 23.26 14.36
N GLY B 424 16.12 23.76 15.41
CA GLY B 424 16.82 23.92 16.69
C GLY B 424 17.27 22.60 17.29
N ASN B 425 16.39 21.61 17.27
CA ASN B 425 16.71 20.31 17.87
C ASN B 425 17.43 19.42 16.86
N ALA B 426 17.88 18.26 17.34
CA ALA B 426 18.56 17.29 16.50
C ALA B 426 17.52 16.37 15.86
N CYS B 427 17.43 16.41 14.55
CA CYS B 427 16.46 15.62 13.80
C CYS B 427 17.21 14.65 12.90
N ARG B 428 16.82 13.38 12.96
CA ARG B 428 17.43 12.34 12.14
C ARG B 428 16.69 12.11 10.84
N LEU B 429 15.55 12.77 10.62
CA LEU B 429 14.76 12.60 9.42
C LEU B 429 15.01 13.69 8.38
N LEU B 430 15.93 14.61 8.65
CA LEU B 430 16.21 15.72 7.74
C LEU B 430 17.63 15.58 7.22
N LEU B 431 17.78 15.55 5.91
CA LEU B 431 19.10 15.45 5.30
C LEU B 431 19.89 16.74 5.53
N GLU B 432 21.17 16.59 5.85
CA GLU B 432 22.02 17.74 6.09
C GLU B 432 22.20 18.55 4.81
N VAL B 433 22.32 19.86 4.97
CA VAL B 433 22.45 20.85 3.89
C VAL B 433 21.66 20.47 2.64
N PRO D 14 1.40 -34.92 -12.15
CA PRO D 14 1.25 -34.94 -13.61
C PRO D 14 2.50 -35.45 -14.33
N ALA D 15 2.30 -36.25 -15.36
CA ALA D 15 3.43 -36.80 -16.10
C ALA D 15 4.18 -35.67 -16.83
N PRO D 16 5.50 -35.72 -16.88
CA PRO D 16 6.25 -34.70 -17.61
C PRO D 16 5.99 -34.78 -19.10
N CYS D 17 6.11 -33.65 -19.78
CA CYS D 17 5.83 -33.55 -21.20
C CYS D 17 7.12 -33.84 -21.97
N TYR D 18 7.28 -35.10 -22.40
CA TYR D 18 8.49 -35.53 -23.10
C TYR D 18 8.45 -35.00 -24.53
N ASP D 19 8.77 -33.72 -24.67
CA ASP D 19 8.78 -33.09 -26.03
C ASP D 19 9.93 -32.09 -26.12
N PRO D 20 10.59 -31.94 -27.28
CA PRO D 20 11.73 -31.04 -27.39
C PRO D 20 11.30 -29.61 -27.31
N CYS D 21 10.63 -29.23 -26.23
CA CYS D 21 10.06 -27.87 -26.14
C CYS D 21 11.19 -26.84 -26.17
N GLU D 22 11.44 -26.21 -27.32
CA GLU D 22 12.44 -25.11 -27.38
C GLU D 22 11.68 -23.80 -27.22
N ALA D 23 12.37 -22.67 -27.13
CA ALA D 23 11.67 -21.40 -26.85
C ALA D 23 12.49 -20.21 -27.32
N VAL D 24 11.91 -19.35 -28.13
CA VAL D 24 12.66 -18.18 -28.67
C VAL D 24 11.97 -16.89 -28.21
N LEU D 25 12.73 -15.96 -27.65
CA LEU D 25 12.26 -14.64 -27.25
C LEU D 25 12.29 -13.73 -28.46
N VAL D 26 11.17 -13.62 -29.16
CA VAL D 26 11.04 -12.78 -30.34
C VAL D 26 10.65 -11.38 -29.91
N GLU D 27 11.20 -10.38 -30.60
CA GLU D 27 10.88 -8.99 -30.32
C GLU D 27 10.94 -8.22 -31.63
N SER D 28 10.10 -7.20 -31.73
CA SER D 28 10.02 -6.36 -32.93
C SER D 28 10.63 -5.00 -32.60
N ILE D 29 11.85 -4.78 -33.05
CA ILE D 29 12.53 -3.51 -32.83
C ILE D 29 12.01 -2.50 -33.85
N PRO D 30 11.39 -1.41 -33.43
CA PRO D 30 10.90 -0.43 -34.38
C PRO D 30 12.04 0.27 -35.11
N GLU D 31 11.75 0.71 -36.33
CA GLU D 31 12.75 1.41 -37.13
C GLU D 31 13.20 2.67 -36.41
N GLY D 32 14.52 2.88 -36.36
CA GLY D 32 15.08 3.98 -35.61
C GLY D 32 15.75 3.51 -34.34
N LEU D 33 15.13 2.55 -33.67
CA LEU D 33 15.72 1.98 -32.46
C LEU D 33 16.90 1.09 -32.84
N ASP D 34 18.05 1.21 -32.10
CA ASP D 34 19.25 0.45 -32.40
C ASP D 34 20.05 0.28 -31.10
N PHE D 35 20.15 -0.93 -30.67
CA PHE D 35 20.96 -1.23 -29.50
C PHE D 35 22.37 -1.56 -29.97
N PRO D 36 23.38 -0.74 -29.65
CA PRO D 36 24.75 -0.98 -30.15
C PRO D 36 25.49 -2.03 -29.32
N ASN D 37 24.97 -3.25 -29.33
CA ASN D 37 25.61 -4.36 -28.63
C ASN D 37 26.04 -5.48 -29.56
N ALA D 38 25.22 -5.82 -30.56
CA ALA D 38 25.51 -6.87 -31.54
C ALA D 38 25.80 -8.22 -30.89
N SER D 39 25.43 -8.39 -29.62
CA SER D 39 25.64 -9.64 -28.91
C SER D 39 24.38 -10.44 -28.68
N THR D 40 23.21 -9.79 -28.64
CA THR D 40 21.93 -10.46 -28.49
C THR D 40 21.13 -10.31 -29.76
N GLY D 41 20.71 -11.43 -30.33
CA GLY D 41 19.94 -11.41 -31.56
C GLY D 41 18.90 -12.51 -31.62
N ASN D 42 17.65 -12.13 -31.86
CA ASN D 42 16.54 -13.05 -31.96
C ASN D 42 15.71 -12.74 -33.18
N PRO D 43 15.00 -13.71 -33.73
CA PRO D 43 14.10 -13.43 -34.85
C PRO D 43 13.02 -12.43 -34.43
N SER D 44 12.65 -11.55 -35.37
CA SER D 44 11.60 -10.60 -35.09
C SER D 44 10.24 -11.30 -35.03
N THR D 45 9.24 -10.57 -34.53
CA THR D 45 7.90 -11.14 -34.45
C THR D 45 7.36 -11.47 -35.84
N SER D 46 7.63 -10.60 -36.82
CA SER D 46 7.17 -10.86 -38.18
C SER D 46 7.80 -12.12 -38.74
N GLN D 47 9.10 -12.32 -38.53
CA GLN D 47 9.77 -13.52 -39.04
C GLN D 47 9.19 -14.78 -38.40
N ALA D 48 9.00 -14.76 -37.08
CA ALA D 48 8.46 -15.93 -36.40
C ALA D 48 7.03 -16.21 -36.85
N TRP D 49 6.21 -15.17 -37.02
CA TRP D 49 4.85 -15.37 -37.49
C TRP D 49 4.84 -15.94 -38.90
N LEU D 50 5.70 -15.43 -39.78
CA LEU D 50 5.77 -15.94 -41.14
C LEU D 50 6.22 -17.40 -41.15
N GLY D 51 7.20 -17.75 -40.32
CA GLY D 51 7.62 -19.14 -40.23
C GLY D 51 6.51 -20.04 -39.72
N LEU D 52 5.77 -19.59 -38.71
CA LEU D 52 4.65 -20.37 -38.20
C LEU D 52 3.58 -20.56 -39.27
N LEU D 53 3.27 -19.51 -40.02
CA LEU D 53 2.27 -19.60 -41.07
C LEU D 53 2.73 -20.54 -42.19
N ALA D 54 4.00 -20.47 -42.57
CA ALA D 54 4.53 -21.38 -43.58
C ALA D 54 4.48 -22.82 -43.10
N GLY D 55 4.81 -23.06 -41.84
CA GLY D 55 4.72 -24.40 -41.29
C GLY D 55 3.34 -24.83 -40.87
N ALA D 56 2.35 -23.94 -40.95
CA ALA D 56 0.99 -24.27 -40.54
C ALA D 56 0.32 -25.13 -41.60
N HIS D 57 -0.15 -26.31 -41.19
CA HIS D 57 -0.85 -27.19 -42.11
C HIS D 57 -2.11 -27.84 -41.55
N SER D 58 -2.36 -27.75 -40.25
CA SER D 58 -3.51 -28.43 -39.66
C SER D 58 -4.44 -27.49 -38.88
N SER D 59 -3.89 -26.53 -38.15
CA SER D 59 -4.71 -25.66 -37.32
C SER D 59 -4.00 -24.34 -37.10
N LEU D 60 -4.78 -23.30 -36.82
CA LEU D 60 -4.24 -21.99 -36.49
C LEU D 60 -5.31 -21.23 -35.71
N ASP D 61 -5.08 -21.04 -34.42
CA ASP D 61 -5.98 -20.30 -33.55
C ASP D 61 -5.30 -18.99 -33.15
N ILE D 62 -5.97 -17.87 -33.38
CA ILE D 62 -5.42 -16.55 -33.11
C ILE D 62 -6.38 -15.83 -32.17
N ALA D 63 -5.93 -15.52 -30.96
CA ALA D 63 -6.67 -14.63 -30.09
C ALA D 63 -6.06 -13.23 -30.18
N SER D 64 -6.87 -12.26 -30.58
CA SER D 64 -6.38 -10.92 -30.87
C SER D 64 -7.35 -9.88 -30.32
N PHE D 65 -6.82 -8.67 -30.15
CA PHE D 65 -7.60 -7.53 -29.70
C PHE D 65 -8.27 -6.82 -30.88
N TYR D 66 -7.51 -6.55 -31.93
CA TYR D 66 -8.02 -5.87 -33.11
C TYR D 66 -7.17 -6.28 -34.30
N TRP D 67 -7.71 -6.04 -35.51
CA TRP D 67 -7.04 -6.44 -36.75
C TRP D 67 -6.86 -5.23 -37.63
N THR D 68 -5.60 -4.84 -37.85
CA THR D 68 -5.26 -3.66 -38.63
C THR D 68 -4.08 -3.97 -39.55
N LEU D 69 -4.17 -5.08 -40.29
CA LEU D 69 -3.07 -5.49 -41.15
C LEU D 69 -3.18 -4.90 -42.55
N THR D 70 -3.40 -3.60 -42.64
CA THR D 70 -3.45 -2.90 -43.92
C THR D 70 -3.15 -1.43 -43.68
N ASN D 71 -2.64 -0.77 -44.72
CA ASN D 71 -2.60 0.69 -44.70
C ASN D 71 -3.99 1.30 -44.81
N ASN D 72 -4.97 0.50 -45.21
CA ASN D 72 -6.34 1.00 -45.36
C ASN D 72 -6.97 1.29 -44.00
N ASP D 73 -6.86 0.35 -43.06
CA ASP D 73 -7.54 0.49 -41.78
C ASP D 73 -6.99 1.64 -40.97
N THR D 74 -5.71 1.95 -41.11
CA THR D 74 -5.14 3.12 -40.45
C THR D 74 -5.35 4.40 -41.24
N HIS D 75 -5.86 4.31 -42.47
CA HIS D 75 -6.04 5.46 -43.35
C HIS D 75 -4.72 6.21 -43.52
N THR D 76 -3.63 5.45 -43.62
CA THR D 76 -2.29 6.01 -43.78
C THR D 76 -1.63 5.42 -45.00
N GLN D 77 -0.65 6.13 -45.55
CA GLN D 77 0.15 5.65 -46.67
C GLN D 77 1.59 5.49 -46.15
N GLU D 78 1.86 4.31 -45.58
CA GLU D 78 3.17 4.02 -45.02
C GLU D 78 3.69 2.71 -45.59
N PRO D 79 4.88 2.71 -46.20
CA PRO D 79 5.45 1.44 -46.70
C PRO D 79 5.76 0.44 -45.61
N SER D 80 5.95 0.88 -44.36
CA SER D 80 6.30 -0.02 -43.28
C SER D 80 5.22 -1.05 -42.98
N ALA D 81 4.01 -0.86 -43.50
CA ALA D 81 2.94 -1.82 -43.36
C ALA D 81 3.12 -3.05 -44.24
N GLN D 82 4.11 -3.01 -45.14
CA GLN D 82 4.28 -4.09 -46.12
C GLN D 82 4.31 -5.45 -45.43
N GLN D 83 5.20 -5.61 -44.45
CA GLN D 83 5.28 -6.88 -43.73
C GLN D 83 3.92 -7.30 -43.21
N GLY D 84 3.21 -6.39 -42.54
CA GLY D 84 1.89 -6.72 -42.04
C GLY D 84 0.96 -7.20 -43.16
N GLU D 85 0.96 -6.46 -44.29
CA GLU D 85 0.16 -6.89 -45.42
C GLU D 85 0.55 -8.30 -45.85
N GLU D 86 1.86 -8.56 -45.92
CA GLU D 86 2.32 -9.90 -46.26
C GLU D 86 1.69 -10.93 -45.33
N VAL D 87 1.71 -10.68 -44.02
CA VAL D 87 1.09 -11.60 -43.08
C VAL D 87 -0.37 -11.83 -43.45
N LEU D 88 -1.09 -10.74 -43.69
CA LEU D 88 -2.49 -10.88 -44.09
C LEU D 88 -2.61 -11.73 -45.34
N ARG D 89 -1.75 -11.47 -46.33
CA ARG D 89 -1.77 -12.29 -47.54
C ARG D 89 -1.56 -13.75 -47.21
N GLN D 90 -0.60 -14.05 -46.34
CA GLN D 90 -0.38 -15.43 -45.94
C GLN D 90 -1.62 -15.98 -45.25
N LEU D 91 -2.24 -15.18 -44.38
CA LEU D 91 -3.44 -15.63 -43.70
C LEU D 91 -4.56 -15.91 -44.70
N GLN D 92 -4.54 -15.22 -45.84
CA GLN D 92 -5.53 -15.49 -46.88
C GLN D 92 -5.19 -16.76 -47.64
N THR D 93 -3.89 -17.05 -47.81
CA THR D 93 -3.49 -18.18 -48.63
C THR D 93 -3.68 -19.51 -47.93
N LEU D 94 -3.45 -19.56 -46.61
CA LEU D 94 -3.46 -20.82 -45.90
C LEU D 94 -4.86 -21.32 -45.56
N ALA D 95 -5.87 -20.44 -45.62
CA ALA D 95 -7.23 -20.90 -45.33
C ALA D 95 -7.74 -21.91 -46.36
N PRO D 96 -7.64 -21.69 -47.67
CA PRO D 96 -8.12 -22.71 -48.61
C PRO D 96 -7.33 -24.01 -48.57
N LYS D 97 -6.10 -24.00 -48.07
CA LYS D 97 -5.27 -25.20 -48.07
C LYS D 97 -5.81 -26.28 -47.14
N GLY D 98 -6.76 -25.94 -46.27
CA GLY D 98 -7.32 -26.91 -45.32
C GLY D 98 -7.06 -26.59 -43.87
N VAL D 99 -6.39 -25.48 -43.55
CA VAL D 99 -6.13 -25.12 -42.16
C VAL D 99 -7.39 -24.54 -41.55
N ASN D 100 -7.76 -25.03 -40.37
CA ASN D 100 -8.96 -24.55 -39.66
C ASN D 100 -8.59 -23.26 -38.94
N VAL D 101 -8.63 -22.16 -39.68
CA VAL D 101 -8.32 -20.85 -39.11
C VAL D 101 -9.50 -20.39 -38.27
N ARG D 102 -9.22 -20.03 -37.02
CA ARG D 102 -10.24 -19.53 -36.10
C ARG D 102 -9.68 -18.31 -35.39
N ILE D 103 -10.42 -17.21 -35.43
CA ILE D 103 -9.97 -15.92 -34.90
C ILE D 103 -11.01 -15.41 -33.93
N ALA D 104 -10.59 -15.13 -32.70
CA ALA D 104 -11.42 -14.49 -31.69
C ALA D 104 -10.95 -13.06 -31.51
N VAL D 105 -11.79 -12.10 -31.86
CA VAL D 105 -11.45 -10.68 -31.80
C VAL D 105 -12.55 -9.96 -31.04
N SER D 106 -12.17 -9.08 -30.11
CA SER D 106 -13.14 -8.37 -29.29
C SER D 106 -14.02 -7.49 -30.17
N LYS D 107 -15.28 -7.38 -29.78
CA LYS D 107 -16.23 -6.59 -30.56
C LYS D 107 -15.88 -5.11 -30.44
N PRO D 108 -15.71 -4.40 -31.56
CA PRO D 108 -15.39 -2.97 -31.49
C PRO D 108 -16.54 -2.17 -30.89
N SER D 109 -16.19 -1.07 -30.23
CA SER D 109 -17.20 -0.22 -29.63
C SER D 109 -18.13 0.38 -30.68
N GLY D 110 -17.57 0.84 -31.80
CA GLY D 110 -18.36 1.40 -32.87
C GLY D 110 -18.48 0.47 -34.05
N PRO D 111 -19.36 0.80 -35.00
CA PRO D 111 -19.55 -0.02 -36.20
C PRO D 111 -18.56 0.35 -37.32
N GLN D 112 -17.28 0.42 -36.98
CA GLN D 112 -16.27 0.74 -37.97
C GLN D 112 -16.08 -0.44 -38.92
N PRO D 113 -15.72 -0.16 -40.18
CA PRO D 113 -15.50 -1.25 -41.15
C PRO D 113 -14.32 -2.11 -40.74
N GLN D 114 -14.39 -3.39 -41.11
CA GLN D 114 -13.35 -4.38 -40.78
C GLN D 114 -12.98 -5.11 -42.06
N ALA D 115 -12.00 -4.55 -42.78
CA ALA D 115 -11.61 -5.13 -44.06
C ALA D 115 -10.94 -6.49 -43.88
N ASP D 116 -9.99 -6.58 -42.95
CA ASP D 116 -9.20 -7.80 -42.80
C ASP D 116 -10.07 -8.97 -42.35
N LEU D 117 -10.95 -8.73 -41.38
CA LEU D 117 -11.77 -9.82 -40.86
C LEU D 117 -12.72 -10.37 -41.91
N GLN D 118 -13.33 -9.50 -42.71
CA GLN D 118 -14.20 -9.98 -43.79
C GLN D 118 -13.38 -10.63 -44.90
N ALA D 119 -12.16 -10.15 -45.15
CA ALA D 119 -11.31 -10.77 -46.17
C ALA D 119 -10.93 -12.19 -45.76
N LEU D 120 -10.69 -12.42 -44.48
CA LEU D 120 -10.44 -13.78 -44.02
C LEU D 120 -11.71 -14.60 -43.93
N LEU D 121 -12.85 -13.96 -43.63
CA LEU D 121 -14.12 -14.69 -43.56
C LEU D 121 -14.51 -15.24 -44.92
N GLN D 122 -14.36 -14.44 -45.97
CA GLN D 122 -14.71 -14.93 -47.31
C GLN D 122 -13.78 -16.04 -47.76
N SER D 123 -12.53 -16.04 -47.28
CA SER D 123 -11.60 -17.11 -47.63
C SER D 123 -11.97 -18.42 -46.95
N GLY D 124 -12.54 -18.36 -45.75
CA GLY D 124 -12.94 -19.57 -45.05
C GLY D 124 -12.50 -19.60 -43.60
N ALA D 125 -12.02 -18.47 -43.09
CA ALA D 125 -11.56 -18.38 -41.71
C ALA D 125 -12.73 -18.04 -40.81
N GLN D 126 -13.03 -18.92 -39.85
CA GLN D 126 -14.11 -18.66 -38.92
C GLN D 126 -13.75 -17.52 -37.98
N VAL D 127 -14.66 -16.57 -37.83
CA VAL D 127 -14.46 -15.42 -36.96
C VAL D 127 -15.65 -15.32 -36.02
N ARG D 128 -15.38 -15.21 -34.72
CA ARG D 128 -16.41 -15.04 -33.72
C ARG D 128 -16.18 -13.73 -32.97
N MET D 129 -17.22 -12.93 -32.84
CA MET D 129 -17.12 -11.59 -32.26
C MET D 129 -17.45 -11.68 -30.78
N VAL D 130 -16.41 -11.87 -29.96
CA VAL D 130 -16.59 -11.91 -28.52
C VAL D 130 -16.72 -10.49 -27.99
N ASP D 131 -17.71 -10.27 -27.13
CA ASP D 131 -18.02 -8.95 -26.59
C ASP D 131 -17.80 -8.96 -25.08
N MET D 132 -16.62 -8.51 -24.65
CA MET D 132 -16.29 -8.53 -23.23
C MET D 132 -17.09 -7.50 -22.45
N GLN D 133 -17.54 -6.43 -23.11
CA GLN D 133 -18.25 -5.37 -22.39
C GLN D 133 -19.56 -5.88 -21.79
N LYS D 134 -20.26 -6.74 -22.52
CA LYS D 134 -21.59 -7.20 -22.04
C LYS D 134 -21.42 -8.44 -21.14
N LEU D 135 -20.20 -8.91 -20.93
CA LEU D 135 -20.03 -10.18 -20.17
C LEU D 135 -19.37 -9.93 -18.82
N THR D 136 -18.24 -9.21 -18.81
CA THR D 136 -17.52 -8.98 -17.54
C THR D 136 -17.12 -7.52 -17.45
N HIS D 137 -17.48 -6.71 -18.45
CA HIS D 137 -17.25 -5.24 -18.38
C HIS D 137 -15.78 -4.94 -18.65
N GLY D 138 -15.34 -5.21 -19.88
CA GLY D 138 -13.96 -4.96 -20.27
C GLY D 138 -13.78 -5.21 -21.74
N VAL D 139 -12.55 -5.52 -22.14
CA VAL D 139 -12.20 -5.87 -23.50
C VAL D 139 -11.41 -7.17 -23.49
N LEU D 140 -11.21 -7.73 -24.67
CA LEU D 140 -10.43 -8.96 -24.85
C LEU D 140 -9.07 -8.58 -25.43
N ALA D 141 -8.07 -8.44 -24.55
CA ALA D 141 -6.75 -7.97 -24.93
C ALA D 141 -5.71 -9.09 -24.87
N THR D 142 -6.13 -10.33 -25.08
CA THR D 142 -5.21 -11.47 -25.13
C THR D 142 -4.75 -11.65 -26.56
N LYS D 143 -3.42 -11.56 -26.73
CA LYS D 143 -2.80 -11.71 -28.06
C LYS D 143 -1.94 -12.98 -28.06
N PHE D 144 -2.41 -14.07 -28.67
CA PHE D 144 -1.59 -15.27 -28.73
C PHE D 144 -2.00 -16.10 -29.94
N TRP D 145 -1.09 -16.99 -30.32
CA TRP D 145 -1.29 -17.92 -31.43
C TRP D 145 -1.11 -19.35 -30.95
N VAL D 146 -1.81 -20.27 -31.62
CA VAL D 146 -1.63 -21.71 -31.45
C VAL D 146 -1.58 -22.29 -32.85
N VAL D 147 -0.41 -22.77 -33.26
CA VAL D 147 -0.19 -23.21 -34.63
C VAL D 147 0.00 -24.73 -34.61
N ASP D 148 -0.92 -25.45 -35.27
CA ASP D 148 -0.93 -26.91 -35.34
C ASP D 148 -0.98 -27.57 -33.96
N GLN D 149 -1.27 -26.79 -32.91
CA GLN D 149 -1.39 -27.30 -31.55
C GLN D 149 -0.08 -27.96 -31.09
N THR D 150 1.03 -27.53 -31.69
CA THR D 150 2.35 -27.98 -31.25
C THR D 150 3.23 -26.78 -30.91
N HIS D 151 3.15 -25.73 -31.70
CA HIS D 151 3.82 -24.47 -31.41
C HIS D 151 2.81 -23.47 -30.88
N PHE D 152 3.31 -22.40 -30.27
CA PHE D 152 2.43 -21.31 -29.91
C PHE D 152 3.24 -20.02 -29.78
N TYR D 153 2.52 -18.91 -29.79
CA TYR D 153 3.10 -17.59 -29.58
C TYR D 153 2.35 -16.90 -28.46
N LEU D 154 3.08 -16.14 -27.65
CA LEU D 154 2.47 -15.37 -26.57
C LEU D 154 3.29 -14.11 -26.36
N GLY D 155 2.68 -12.96 -26.58
CA GLY D 155 3.41 -11.72 -26.42
C GLY D 155 2.49 -10.52 -26.45
N SER D 156 3.10 -9.34 -26.61
CA SER D 156 2.38 -8.09 -26.62
C SER D 156 2.09 -7.58 -28.02
N ALA D 157 2.15 -8.46 -29.02
CA ALA D 157 1.97 -8.05 -30.41
C ALA D 157 0.50 -8.21 -30.79
N ASN D 158 -0.17 -7.09 -31.03
CA ASN D 158 -1.51 -7.13 -31.61
C ASN D 158 -1.40 -7.50 -33.09
N MET D 159 -2.53 -7.95 -33.67
CA MET D 159 -2.56 -8.34 -35.10
C MET D 159 -2.58 -7.07 -35.92
N ASP D 160 -1.50 -6.33 -35.85
CA ASP D 160 -1.39 -5.02 -36.50
C ASP D 160 -0.02 -4.88 -37.17
N TRP D 161 0.02 -4.09 -38.24
CA TRP D 161 1.30 -3.81 -38.87
C TRP D 161 2.15 -2.89 -38.02
N ARG D 162 1.52 -1.95 -37.31
CA ARG D 162 2.25 -1.10 -36.38
C ARG D 162 2.86 -1.94 -35.26
N SER D 163 2.16 -3.01 -34.89
CA SER D 163 2.69 -3.88 -33.82
C SER D 163 3.95 -4.55 -34.35
N LEU D 164 3.88 -5.01 -35.60
CA LEU D 164 5.03 -5.71 -36.17
C LEU D 164 6.22 -4.79 -36.39
N THR D 165 5.98 -3.54 -36.78
CA THR D 165 7.09 -2.66 -37.14
C THR D 165 7.19 -1.41 -36.28
N GLN D 166 6.08 -0.74 -36.00
CA GLN D 166 6.15 0.61 -35.44
C GLN D 166 6.30 0.64 -33.92
N VAL D 167 5.89 -0.41 -33.20
CA VAL D 167 6.04 -0.45 -31.76
C VAL D 167 6.93 -1.62 -31.38
N LYS D 168 7.46 -1.57 -30.17
CA LYS D 168 8.37 -2.59 -29.65
C LYS D 168 7.57 -3.63 -28.87
N GLU D 169 7.93 -4.90 -29.04
CA GLU D 169 7.24 -6.00 -28.41
C GLU D 169 8.21 -6.91 -27.68
N LEU D 170 7.64 -7.82 -26.89
CA LEU D 170 8.39 -8.91 -26.27
C LEU D 170 7.46 -10.10 -26.20
N GLY D 171 7.82 -11.19 -26.88
CA GLY D 171 6.98 -12.36 -26.87
C GLY D 171 7.81 -13.61 -26.99
N VAL D 172 7.15 -14.74 -26.76
CA VAL D 172 7.78 -16.06 -26.84
C VAL D 172 7.11 -16.84 -27.95
N VAL D 173 7.92 -17.40 -28.84
CA VAL D 173 7.47 -18.43 -29.77
C VAL D 173 8.04 -19.73 -29.24
N MET D 174 7.16 -20.67 -28.92
CA MET D 174 7.54 -21.89 -28.23
C MET D 174 7.18 -23.06 -29.13
N TYR D 175 8.24 -23.70 -29.65
CA TYR D 175 8.05 -24.76 -30.66
C TYR D 175 8.07 -26.13 -30.06
N ASN D 176 7.55 -27.09 -30.81
CA ASN D 176 7.54 -28.49 -30.36
C ASN D 176 7.13 -28.59 -28.90
N CYS D 177 5.94 -28.11 -28.52
CA CYS D 177 5.45 -28.26 -27.13
C CYS D 177 3.97 -28.61 -27.12
N SER D 178 3.60 -29.73 -27.73
CA SER D 178 2.17 -30.06 -27.84
C SER D 178 1.47 -29.83 -26.50
N CYS D 179 2.13 -30.12 -25.39
CA CYS D 179 1.41 -30.04 -24.09
C CYS D 179 1.16 -28.58 -23.71
N LEU D 180 2.13 -27.69 -23.94
CA LEU D 180 1.89 -26.30 -23.50
C LEU D 180 1.04 -25.63 -24.59
N ALA D 181 1.02 -26.18 -25.80
CA ALA D 181 0.20 -25.62 -26.86
C ALA D 181 -1.28 -25.88 -26.61
N ARG D 182 -1.63 -27.10 -26.20
CA ARG D 182 -3.03 -27.39 -25.94
C ARG D 182 -3.50 -26.75 -24.64
N ASP D 183 -2.62 -26.59 -23.67
CA ASP D 183 -3.05 -25.88 -22.45
C ASP D 183 -3.34 -24.43 -22.80
N LEU D 184 -2.57 -23.83 -23.71
CA LEU D 184 -2.90 -22.48 -24.15
C LEU D 184 -4.19 -22.46 -24.98
N THR D 185 -4.39 -23.44 -25.86
CA THR D 185 -5.61 -23.46 -26.71
C THR D 185 -6.79 -23.45 -25.79
N LYS D 186 -6.73 -24.24 -24.73
CA LYS D 186 -7.93 -24.34 -23.90
C LYS D 186 -8.52 -22.96 -23.64
N ILE D 187 -7.67 -21.96 -23.44
CA ILE D 187 -8.14 -20.58 -23.25
C ILE D 187 -8.84 -20.08 -24.52
N PHE D 188 -8.26 -20.37 -25.68
CA PHE D 188 -8.90 -19.96 -26.93
C PHE D 188 -10.23 -20.67 -27.12
N GLU D 189 -10.32 -21.94 -26.73
CA GLU D 189 -11.58 -22.65 -26.79
C GLU D 189 -12.62 -22.00 -25.89
N ALA D 190 -12.20 -21.57 -24.70
CA ALA D 190 -13.11 -20.87 -23.79
C ALA D 190 -13.60 -19.57 -24.42
N TYR D 191 -12.70 -18.82 -25.05
CA TYR D 191 -13.11 -17.58 -25.72
C TYR D 191 -14.05 -17.87 -26.89
N TRP D 192 -13.77 -18.93 -27.65
CA TRP D 192 -14.60 -19.30 -28.79
C TRP D 192 -16.02 -19.64 -28.35
N PHE D 193 -16.15 -20.50 -27.34
CA PHE D 193 -17.49 -20.88 -26.88
C PHE D 193 -18.19 -19.72 -26.18
N LEU D 194 -17.43 -18.91 -25.46
CA LEU D 194 -18.03 -17.86 -24.64
C LEU D 194 -18.52 -16.68 -25.46
N GLY D 195 -17.88 -16.41 -26.61
CA GLY D 195 -18.23 -15.23 -27.37
C GLY D 195 -18.78 -15.48 -28.76
N GLN D 196 -19.59 -16.53 -28.91
CA GLN D 196 -20.17 -16.80 -30.22
C GLN D 196 -21.40 -15.93 -30.46
N ALA D 197 -22.47 -16.16 -29.69
CA ALA D 197 -23.69 -15.36 -29.74
C ALA D 197 -24.63 -15.74 -28.61
N GLY D 198 -25.17 -14.74 -27.92
CA GLY D 198 -26.18 -14.99 -26.91
C GLY D 198 -25.67 -15.57 -25.62
N SER D 199 -24.84 -16.62 -25.72
CA SER D 199 -24.39 -17.36 -24.55
C SER D 199 -23.57 -16.45 -23.62
N SER D 200 -23.74 -16.66 -22.32
CA SER D 200 -23.06 -15.90 -21.29
C SER D 200 -22.08 -16.80 -20.54
N ILE D 201 -21.43 -16.22 -19.52
CA ILE D 201 -20.44 -16.94 -18.73
C ILE D 201 -21.13 -18.01 -17.90
N PRO D 202 -20.74 -19.27 -18.03
CA PRO D 202 -21.34 -20.32 -17.19
C PRO D 202 -20.95 -20.15 -15.73
N SER D 203 -21.83 -20.56 -14.83
CA SER D 203 -21.48 -20.49 -13.40
C SER D 203 -20.25 -21.39 -13.19
N THR D 204 -20.33 -22.64 -13.65
CA THR D 204 -19.22 -23.56 -13.47
C THR D 204 -18.70 -23.95 -14.85
N TRP D 205 -17.40 -23.77 -15.06
CA TRP D 205 -16.83 -24.07 -16.36
C TRP D 205 -16.81 -25.58 -16.60
N PRO D 206 -17.12 -26.04 -17.80
CA PRO D 206 -17.09 -27.47 -18.09
C PRO D 206 -15.67 -28.01 -18.01
N ARG D 207 -15.58 -29.32 -17.78
CA ARG D 207 -14.29 -29.97 -17.57
C ARG D 207 -13.39 -29.83 -18.80
N PHE D 208 -13.99 -29.58 -19.97
CA PHE D 208 -13.19 -29.45 -21.19
C PHE D 208 -12.20 -28.30 -21.10
N TYR D 209 -12.55 -27.24 -20.39
CA TYR D 209 -11.68 -26.08 -20.25
C TYR D 209 -10.80 -26.15 -19.01
N ASP D 210 -10.97 -27.15 -18.16
CA ASP D 210 -10.16 -27.27 -16.95
C ASP D 210 -8.73 -27.67 -17.30
N THR D 211 -7.80 -27.24 -16.45
CA THR D 211 -6.38 -27.52 -16.64
C THR D 211 -5.80 -28.10 -15.35
N ARG D 212 -4.67 -28.79 -15.50
CA ARG D 212 -4.00 -29.44 -14.38
C ARG D 212 -2.68 -28.78 -14.01
N TYR D 213 -2.14 -27.91 -14.84
CA TYR D 213 -0.82 -27.32 -14.65
C TYR D 213 -0.99 -25.88 -14.16
N ASN D 214 -1.02 -25.71 -12.84
CA ASN D 214 -1.18 -24.43 -12.18
C ASN D 214 0.01 -24.15 -11.28
N GLN D 215 -0.10 -23.12 -10.45
CA GLN D 215 1.04 -22.64 -9.68
C GLN D 215 1.57 -23.71 -8.73
N GLU D 216 0.68 -24.39 -8.02
CA GLU D 216 1.13 -25.39 -7.05
C GLU D 216 1.73 -26.60 -7.73
N THR D 217 1.23 -26.97 -8.91
CA THR D 217 1.75 -28.12 -9.67
C THR D 217 2.02 -27.66 -11.10
N PRO D 218 3.13 -26.95 -11.33
CA PRO D 218 3.44 -26.53 -12.70
C PRO D 218 3.86 -27.69 -13.58
N MET D 219 4.10 -27.42 -14.86
CA MET D 219 4.39 -28.47 -15.83
C MET D 219 5.89 -28.60 -16.04
N GLU D 220 6.37 -29.84 -16.04
CA GLU D 220 7.78 -30.13 -16.28
C GLU D 220 8.03 -30.29 -17.77
N ILE D 221 8.94 -29.49 -18.32
CA ILE D 221 9.27 -29.54 -19.73
C ILE D 221 10.78 -29.67 -19.89
N CYS D 222 11.18 -30.20 -21.04
CA CYS D 222 12.60 -30.27 -21.41
C CYS D 222 12.96 -29.05 -22.24
N LEU D 223 12.93 -27.90 -21.56
CA LEU D 223 13.19 -26.61 -22.20
C LEU D 223 14.66 -26.54 -22.58
N ASN D 224 14.96 -26.80 -23.86
CA ASN D 224 16.34 -26.86 -24.36
C ASN D 224 17.17 -27.88 -23.58
N GLY D 225 16.57 -29.03 -23.30
CA GLY D 225 17.27 -30.10 -22.61
C GLY D 225 17.13 -30.05 -21.10
N THR D 226 17.56 -28.95 -20.50
CA THR D 226 17.48 -28.81 -19.05
C THR D 226 16.01 -28.74 -18.61
N PRO D 227 15.62 -29.50 -17.59
CA PRO D 227 14.22 -29.47 -17.15
C PRO D 227 13.84 -28.11 -16.58
N ALA D 228 12.57 -27.75 -16.77
CA ALA D 228 12.06 -26.47 -16.30
C ALA D 228 10.60 -26.62 -15.93
N LEU D 229 10.12 -25.71 -15.08
CA LEU D 229 8.75 -25.69 -14.61
C LEU D 229 8.04 -24.49 -15.21
N ALA D 230 7.05 -24.76 -16.06
CA ALA D 230 6.33 -23.69 -16.75
C ALA D 230 4.83 -23.92 -16.64
N TYR D 231 4.09 -22.82 -16.62
CA TYR D 231 2.63 -22.89 -16.66
C TYR D 231 2.07 -21.53 -17.02
N LEU D 232 0.82 -21.53 -17.48
CA LEU D 232 0.14 -20.33 -17.94
C LEU D 232 -0.91 -19.87 -16.94
N ALA D 233 -1.10 -18.56 -16.89
CA ALA D 233 -2.09 -17.92 -16.02
C ALA D 233 -3.04 -17.08 -16.88
N SER D 234 -4.32 -17.08 -16.49
CA SER D 234 -5.37 -16.40 -17.30
C SER D 234 -6.21 -15.39 -16.52
N ALA D 235 -6.94 -14.54 -17.23
CA ALA D 235 -7.81 -13.50 -16.61
C ALA D 235 -8.91 -13.15 -17.60
N PRO D 236 -10.09 -12.62 -17.20
CA PRO D 236 -10.33 -12.14 -15.86
C PRO D 236 -10.79 -13.26 -14.99
N PRO D 237 -10.76 -13.10 -13.65
CA PRO D 237 -11.11 -14.19 -12.76
C PRO D 237 -12.36 -15.00 -13.11
N PRO D 238 -13.47 -14.44 -13.66
CA PRO D 238 -14.59 -15.26 -14.05
C PRO D 238 -14.29 -16.27 -15.15
N LEU D 239 -13.65 -15.84 -16.24
CA LEU D 239 -13.35 -16.73 -17.39
C LEU D 239 -12.21 -17.68 -16.99
N CYS D 240 -12.16 -18.10 -15.73
CA CYS D 240 -11.10 -18.97 -15.22
C CYS D 240 -11.68 -20.25 -14.66
N PRO D 241 -11.28 -21.41 -15.17
CA PRO D 241 -11.73 -22.68 -14.58
C PRO D 241 -11.13 -22.91 -13.20
N SER D 242 -11.50 -24.02 -12.56
CA SER D 242 -10.99 -24.31 -11.24
C SER D 242 -9.48 -24.51 -11.25
N GLY D 243 -8.98 -25.25 -12.25
CA GLY D 243 -7.55 -25.53 -12.30
C GLY D 243 -6.70 -24.31 -12.58
N ARG D 244 -7.16 -23.45 -13.48
CA ARG D 244 -6.35 -22.33 -13.93
C ARG D 244 -6.05 -21.35 -12.80
N THR D 245 -4.80 -20.89 -12.74
CA THR D 245 -4.33 -19.94 -11.75
C THR D 245 -4.53 -18.52 -12.27
N PRO D 246 -5.17 -17.63 -11.50
CA PRO D 246 -5.37 -16.26 -11.96
C PRO D 246 -4.04 -15.55 -12.22
N ASP D 247 -4.08 -14.62 -13.19
CA ASP D 247 -2.86 -13.91 -13.57
C ASP D 247 -2.30 -13.11 -12.40
N LEU D 248 -3.17 -12.44 -11.65
CA LEU D 248 -2.70 -11.64 -10.53
C LEU D 248 -2.06 -12.51 -9.45
N LYS D 249 -2.64 -13.67 -9.17
CA LYS D 249 -2.06 -14.56 -8.16
C LYS D 249 -0.68 -15.02 -8.58
N ALA D 250 -0.51 -15.41 -9.84
CA ALA D 250 0.79 -15.84 -10.33
C ALA D 250 1.81 -14.70 -10.28
N LEU D 251 1.39 -13.50 -10.68
CA LEU D 251 2.28 -12.34 -10.65
C LEU D 251 2.74 -12.06 -9.23
N LEU D 252 1.81 -12.10 -8.27
CA LEU D 252 2.15 -11.85 -6.88
C LEU D 252 3.06 -12.94 -6.33
N ASN D 253 2.81 -14.20 -6.70
CA ASN D 253 3.67 -15.28 -6.23
C ASN D 253 5.10 -15.10 -6.74
N VAL D 254 5.24 -14.72 -8.01
CA VAL D 254 6.58 -14.55 -8.57
C VAL D 254 7.28 -13.36 -7.94
N VAL D 255 6.56 -12.24 -7.74
CA VAL D 255 7.22 -11.08 -7.13
C VAL D 255 7.54 -11.34 -5.66
N ASP D 256 6.81 -12.25 -5.01
CA ASP D 256 7.09 -12.57 -3.60
C ASP D 256 8.22 -13.57 -3.43
N ASN D 257 8.33 -14.55 -4.33
CA ASN D 257 9.34 -15.60 -4.17
C ASN D 257 10.75 -15.09 -4.43
N ALA D 258 10.90 -13.95 -5.09
CA ALA D 258 12.22 -13.44 -5.41
C ALA D 258 12.96 -13.00 -4.15
N ARG D 259 14.28 -13.19 -4.13
CA ARG D 259 15.09 -12.86 -2.98
C ARG D 259 16.28 -11.95 -3.27
N SER D 260 16.64 -11.74 -4.54
CA SER D 260 17.78 -10.90 -4.88
C SER D 260 17.37 -9.65 -5.66
N PHE D 261 16.67 -9.81 -6.78
CA PHE D 261 16.27 -8.65 -7.57
C PHE D 261 14.98 -8.96 -8.31
N ILE D 262 14.30 -7.89 -8.72
CA ILE D 262 13.06 -7.97 -9.50
C ILE D 262 13.13 -6.90 -10.57
N TYR D 263 13.17 -7.30 -11.83
CA TYR D 263 13.25 -6.38 -12.96
C TYR D 263 11.92 -6.42 -13.70
N VAL D 264 11.25 -5.27 -13.79
CA VAL D 264 9.93 -5.18 -14.40
C VAL D 264 9.97 -4.21 -15.56
N ALA D 265 9.54 -4.67 -16.73
CA ALA D 265 9.42 -3.81 -17.92
C ALA D 265 7.99 -3.95 -18.42
N VAL D 266 7.15 -2.97 -18.09
CA VAL D 266 5.73 -3.00 -18.44
C VAL D 266 5.37 -1.70 -19.13
N MET D 267 4.36 -1.77 -20.00
CA MET D 267 3.95 -0.60 -20.76
C MET D 267 3.27 0.43 -19.85
N ASN D 268 2.33 -0.01 -19.03
CA ASN D 268 1.60 0.87 -18.13
C ASN D 268 1.45 0.20 -16.78
N TYR D 269 1.86 0.90 -15.72
CA TYR D 269 1.71 0.41 -14.35
C TYR D 269 0.95 1.47 -13.54
N LEU D 270 -0.33 1.23 -13.31
CA LEU D 270 -1.17 2.14 -12.55
C LEU D 270 -1.91 1.34 -11.48
N PRO D 271 -1.71 1.63 -10.19
CA PRO D 271 -2.38 0.89 -9.11
C PRO D 271 -3.81 1.37 -8.86
N THR D 272 -4.57 1.58 -9.93
CA THR D 272 -5.94 2.05 -9.84
C THR D 272 -6.80 1.25 -10.81
N LEU D 273 -8.12 1.29 -10.56
CA LEU D 273 -9.09 0.68 -11.46
C LEU D 273 -9.51 1.72 -12.49
N GLU D 274 -8.77 1.79 -13.60
CA GLU D 274 -9.06 2.74 -14.65
C GLU D 274 -10.28 2.27 -15.45
N PHE D 275 -10.63 3.01 -16.50
CA PHE D 275 -11.75 2.69 -17.39
C PHE D 275 -13.06 2.51 -16.64
N SER D 276 -13.15 3.05 -15.42
CA SER D 276 -14.36 2.97 -14.63
C SER D 276 -14.42 4.15 -13.68
N HIS D 277 -15.63 4.48 -13.24
CA HIS D 277 -15.84 5.58 -12.33
C HIS D 277 -16.81 5.16 -11.25
N PRO D 278 -16.66 5.68 -10.02
CA PRO D 278 -15.66 6.66 -9.56
C PRO D 278 -14.26 6.05 -9.46
N HIS D 279 -13.23 6.89 -9.37
CA HIS D 279 -11.86 6.40 -9.30
C HIS D 279 -11.68 5.50 -8.08
N ARG D 280 -10.98 4.38 -8.27
CA ARG D 280 -10.78 3.39 -7.23
C ARG D 280 -9.30 3.07 -7.11
N PHE D 281 -8.87 2.81 -5.88
CA PHE D 281 -7.48 2.51 -5.57
C PHE D 281 -7.28 1.00 -5.55
N TRP D 282 -6.19 0.57 -6.20
CA TRP D 282 -5.89 -0.86 -6.36
C TRP D 282 -4.45 -1.12 -5.94
N PRO D 283 -4.18 -1.20 -4.63
CA PRO D 283 -2.82 -1.48 -4.14
C PRO D 283 -2.54 -2.96 -3.96
N ALA D 284 -2.34 -3.66 -5.08
CA ALA D 284 -2.04 -5.08 -5.05
C ALA D 284 -0.60 -5.37 -5.47
N ILE D 285 -0.19 -4.93 -6.66
CA ILE D 285 1.19 -5.09 -7.06
C ILE D 285 2.10 -4.15 -6.28
N ASP D 286 1.61 -2.94 -5.97
CA ASP D 286 2.41 -1.98 -5.23
C ASP D 286 2.78 -2.52 -3.85
N ASP D 287 1.83 -3.13 -3.15
CA ASP D 287 2.11 -3.69 -1.83
C ASP D 287 3.11 -4.82 -1.92
N GLY D 288 2.98 -5.68 -2.93
CA GLY D 288 3.95 -6.75 -3.10
C GLY D 288 5.34 -6.25 -3.38
N LEU D 289 5.46 -5.24 -4.24
CA LEU D 289 6.77 -4.66 -4.53
C LEU D 289 7.38 -4.06 -3.28
N ARG D 290 6.60 -3.31 -2.52
CA ARG D 290 7.11 -2.69 -1.29
C ARG D 290 7.53 -3.75 -0.28
N ARG D 291 6.72 -4.80 -0.12
CA ARG D 291 7.06 -5.88 0.80
C ARG D 291 8.37 -6.55 0.40
N ALA D 292 8.51 -6.87 -0.89
CA ALA D 292 9.72 -7.55 -1.34
C ALA D 292 10.94 -6.66 -1.17
N THR D 293 10.81 -5.36 -1.45
CA THR D 293 11.97 -4.48 -1.35
C THR D 293 12.29 -4.08 0.08
N TYR D 294 11.35 -4.22 1.02
CA TYR D 294 11.61 -3.82 2.41
C TYR D 294 11.97 -5.01 3.29
N GLU D 295 11.11 -6.03 3.34
CA GLU D 295 11.37 -7.16 4.22
C GLU D 295 12.65 -7.88 3.81
N ARG D 296 12.87 -8.05 2.52
CA ARG D 296 14.08 -8.66 1.99
C ARG D 296 14.87 -7.62 1.22
N GLY D 297 16.15 -7.91 0.99
CA GLY D 297 17.03 -6.97 0.32
C GLY D 297 16.88 -7.00 -1.18
N VAL D 298 15.66 -7.29 -1.66
CA VAL D 298 15.42 -7.38 -3.10
C VAL D 298 15.55 -6.00 -3.72
N LYS D 299 16.31 -5.91 -4.80
CA LYS D 299 16.44 -4.67 -5.56
C LYS D 299 15.41 -4.66 -6.66
N VAL D 300 14.52 -3.67 -6.65
CA VAL D 300 13.41 -3.57 -7.60
C VAL D 300 13.76 -2.51 -8.63
N ARG D 301 13.73 -2.91 -9.90
CA ARG D 301 13.99 -1.99 -11.01
C ARG D 301 12.76 -1.95 -11.90
N LEU D 302 12.22 -0.75 -12.11
CA LEU D 302 10.97 -0.55 -12.83
C LEU D 302 11.26 0.16 -14.15
N LEU D 303 10.80 -0.41 -15.25
CA LEU D 303 10.99 0.16 -16.58
C LEU D 303 9.61 0.35 -17.22
N ILE D 304 9.07 1.56 -17.12
CA ILE D 304 7.79 1.88 -17.70
C ILE D 304 8.02 2.55 -19.05
N SER D 305 6.99 2.54 -19.89
CA SER D 305 7.03 3.19 -21.19
C SER D 305 6.02 4.33 -21.22
N CYS D 306 6.45 5.46 -21.75
CA CYS D 306 5.63 6.67 -21.80
C CYS D 306 5.48 7.12 -23.25
N TRP D 307 4.25 7.46 -23.63
CA TRP D 307 3.97 7.97 -24.98
C TRP D 307 2.94 9.10 -24.88
N GLY D 308 2.27 9.42 -25.96
CA GLY D 308 1.25 10.46 -25.98
C GLY D 308 -0.09 10.04 -25.43
N HIS D 309 -0.30 8.75 -25.18
CA HIS D 309 -1.57 8.24 -24.69
C HIS D 309 -1.40 7.57 -23.32
N SER D 310 -0.60 8.18 -22.45
CA SER D 310 -0.38 7.68 -21.11
C SER D 310 -1.01 8.63 -20.10
N GLU D 311 -1.59 8.06 -19.05
CA GLU D 311 -2.27 8.87 -18.06
C GLU D 311 -1.27 9.68 -17.25
N PRO D 312 -1.39 11.01 -17.20
CA PRO D 312 -0.41 11.80 -16.44
C PRO D 312 -0.41 11.52 -14.95
N SER D 313 -1.50 10.97 -14.41
CA SER D 313 -1.54 10.62 -13.00
C SER D 313 -0.58 9.51 -12.63
N MET D 314 -0.17 8.69 -13.60
CA MET D 314 0.68 7.54 -13.31
C MET D 314 2.01 7.95 -12.69
N ARG D 315 2.58 9.06 -13.14
CA ARG D 315 3.81 9.56 -12.53
C ARG D 315 3.63 9.76 -11.03
N ALA D 316 2.48 10.30 -10.62
CA ALA D 316 2.24 10.56 -9.21
C ALA D 316 2.34 9.28 -8.38
N PHE D 317 2.09 8.13 -8.99
CA PHE D 317 2.27 6.88 -8.27
C PHE D 317 3.70 6.35 -8.40
N LEU D 318 4.34 6.55 -9.56
CA LEU D 318 5.70 6.09 -9.74
C LEU D 318 6.66 6.80 -8.79
N LEU D 319 6.46 8.11 -8.61
CA LEU D 319 7.26 8.85 -7.63
C LEU D 319 7.04 8.30 -6.23
N SER D 320 5.90 7.67 -5.97
CA SER D 320 5.66 7.07 -4.67
C SER D 320 6.50 5.82 -4.45
N LEU D 321 7.05 5.24 -5.51
CA LEU D 321 7.87 4.05 -5.39
C LEU D 321 9.36 4.36 -5.46
N ALA D 322 9.76 5.27 -6.34
CA ALA D 322 11.17 5.63 -6.47
C ALA D 322 11.70 6.33 -5.23
N ALA D 323 10.82 6.91 -4.41
CA ALA D 323 11.23 7.62 -3.21
C ALA D 323 11.40 6.70 -2.01
N LEU D 324 11.17 5.40 -2.17
CA LEU D 324 11.28 4.44 -1.08
C LEU D 324 12.60 3.70 -1.28
N ARG D 325 13.66 4.24 -0.68
CA ARG D 325 14.97 3.61 -0.71
C ARG D 325 15.81 4.19 0.42
N ASP D 326 16.33 3.33 1.29
CA ASP D 326 17.11 3.77 2.43
C ASP D 326 18.16 2.73 2.75
N ASN D 327 19.00 3.05 3.74
CA ASN D 327 20.11 2.17 4.12
C ASN D 327 19.74 1.20 5.22
N HIS D 328 18.91 1.62 6.18
CA HIS D 328 18.66 0.80 7.36
C HIS D 328 18.04 -0.55 6.99
N THR D 329 17.05 -0.54 6.10
CA THR D 329 16.48 -1.77 5.57
C THR D 329 17.08 -2.14 4.22
N HIS D 330 18.06 -1.36 3.74
CA HIS D 330 18.73 -1.60 2.47
C HIS D 330 17.74 -1.64 1.31
N SER D 331 16.69 -0.83 1.41
CA SER D 331 15.72 -0.75 0.34
C SER D 331 16.32 -0.10 -0.90
N ASP D 332 15.92 -0.60 -2.07
CA ASP D 332 16.46 -0.11 -3.33
C ASP D 332 15.41 -0.31 -4.41
N ILE D 333 14.70 0.76 -4.75
CA ILE D 333 13.77 0.79 -5.88
C ILE D 333 14.18 1.89 -6.82
N GLN D 334 14.36 1.56 -8.09
CA GLN D 334 14.67 2.52 -9.13
C GLN D 334 13.62 2.42 -10.23
N VAL D 335 13.13 3.57 -10.67
CA VAL D 335 12.08 3.65 -11.68
C VAL D 335 12.64 4.40 -12.89
N LYS D 336 12.45 3.83 -14.07
CA LYS D 336 12.91 4.43 -15.31
C LYS D 336 11.81 4.37 -16.36
N LEU D 337 11.81 5.35 -17.25
CA LEU D 337 10.85 5.44 -18.33
C LEU D 337 11.55 5.14 -19.65
N PHE D 338 11.02 4.18 -20.41
CA PHE D 338 11.55 3.83 -21.73
C PHE D 338 10.63 4.43 -22.78
N VAL D 339 11.11 5.46 -23.47
CA VAL D 339 10.32 6.21 -24.44
C VAL D 339 10.92 5.99 -25.81
N VAL D 340 10.11 5.48 -26.73
CA VAL D 340 10.55 5.22 -28.10
C VAL D 340 10.54 6.54 -28.87
N PRO D 341 11.69 6.98 -29.39
CA PRO D 341 11.72 8.25 -30.13
C PRO D 341 10.87 8.20 -31.38
N ALA D 342 10.30 9.34 -31.75
CA ALA D 342 9.47 9.48 -32.93
C ALA D 342 9.87 10.74 -33.68
N ASP D 343 9.64 10.73 -34.98
CA ASP D 343 9.96 11.87 -35.85
C ASP D 343 8.66 12.41 -36.46
N GLU D 344 8.82 13.36 -37.38
CA GLU D 344 7.66 13.94 -38.05
C GLU D 344 6.92 12.90 -38.88
N ALA D 345 7.66 12.03 -39.57
CA ALA D 345 7.02 11.02 -40.42
C ALA D 345 6.20 10.05 -39.60
N GLN D 346 6.73 9.59 -38.48
CA GLN D 346 6.02 8.64 -37.63
C GLN D 346 5.01 9.29 -36.71
N ALA D 347 4.98 10.63 -36.63
CA ALA D 347 4.04 11.29 -35.74
C ALA D 347 2.62 11.17 -36.24
N ARG D 348 2.42 11.17 -37.56
CA ARG D 348 1.07 11.13 -38.12
C ARG D 348 0.42 9.77 -37.97
N ILE D 349 1.19 8.72 -37.73
CA ILE D 349 0.62 7.38 -37.56
C ILE D 349 -0.05 7.31 -36.19
N PRO D 350 -1.32 6.91 -36.10
CA PRO D 350 -1.95 6.77 -34.80
C PRO D 350 -1.41 5.56 -34.04
N TYR D 351 -1.15 5.75 -32.75
CA TYR D 351 -0.58 4.71 -31.90
C TYR D 351 0.72 4.18 -32.49
N ALA D 352 1.60 5.10 -32.87
CA ALA D 352 2.74 4.76 -33.72
C ALA D 352 3.89 4.16 -32.93
N ARG D 353 4.44 4.92 -31.97
CA ARG D 353 5.69 4.55 -31.32
C ARG D 353 5.44 4.37 -29.83
N VAL D 354 5.72 3.16 -29.33
CA VAL D 354 5.61 2.87 -27.90
C VAL D 354 6.36 1.57 -27.64
N ASN D 355 6.78 1.38 -26.39
CA ASN D 355 7.38 0.13 -25.95
C ASN D 355 6.30 -0.66 -25.23
N ALA D 356 5.75 -1.67 -25.90
CA ALA D 356 4.59 -2.39 -25.41
C ALA D 356 4.96 -3.65 -24.64
N ASN D 357 6.25 -3.88 -24.37
CA ASN D 357 6.66 -5.08 -23.66
C ASN D 357 6.07 -5.11 -22.25
N LYS D 358 5.54 -6.26 -21.86
CA LYS D 358 4.95 -6.45 -20.54
C LYS D 358 5.50 -7.75 -19.96
N TYR D 359 6.53 -7.62 -19.12
CA TYR D 359 7.18 -8.80 -18.55
C TYR D 359 7.98 -8.41 -17.32
N MET D 360 8.45 -9.42 -16.60
CA MET D 360 9.39 -9.21 -15.51
C MET D 360 10.24 -10.46 -15.34
N VAL D 361 11.40 -10.27 -14.73
CA VAL D 361 12.37 -11.34 -14.52
C VAL D 361 13.00 -11.18 -13.14
N THR D 362 13.15 -12.30 -12.44
CA THR D 362 13.84 -12.34 -11.17
C THR D 362 15.07 -13.22 -11.29
N GLU D 363 15.72 -13.49 -10.17
CA GLU D 363 16.90 -14.36 -10.18
C GLU D 363 16.54 -15.83 -10.22
N ARG D 364 15.24 -16.13 -10.16
CA ARG D 364 14.80 -17.54 -10.07
C ARG D 364 13.54 -17.81 -10.90
N ALA D 365 12.99 -16.81 -11.58
CA ALA D 365 11.75 -17.00 -12.32
C ALA D 365 11.60 -15.91 -13.37
N THR D 366 10.75 -16.19 -14.35
CA THR D 366 10.44 -15.22 -15.40
C THR D 366 8.95 -15.25 -15.73
N TYR D 367 8.39 -14.06 -15.93
CA TYR D 367 6.98 -13.84 -16.18
C TYR D 367 6.84 -13.02 -17.46
N ILE D 368 6.06 -13.52 -18.41
CA ILE D 368 5.83 -12.80 -19.66
C ILE D 368 4.32 -12.72 -19.90
N GLY D 369 3.78 -11.51 -19.89
CA GLY D 369 2.35 -11.30 -19.97
C GLY D 369 1.94 -10.53 -21.20
N THR D 370 0.62 -10.39 -21.36
CA THR D 370 0.02 -9.71 -22.50
C THR D 370 -0.77 -8.48 -22.11
N SER D 371 -0.86 -8.16 -20.82
CA SER D 371 -1.68 -7.06 -20.35
C SER D 371 -0.86 -6.13 -19.48
N ASN D 372 -1.24 -4.85 -19.49
CA ASN D 372 -0.56 -3.85 -18.68
C ASN D 372 -0.90 -4.06 -17.21
N TRP D 373 -0.10 -3.43 -16.34
CA TRP D 373 -0.23 -3.64 -14.90
C TRP D 373 -1.18 -2.59 -14.33
N SER D 374 -2.47 -2.84 -14.54
CA SER D 374 -3.54 -2.00 -14.01
C SER D 374 -4.66 -2.91 -13.54
N GLY D 375 -5.55 -2.35 -12.72
CA GLY D 375 -6.59 -3.17 -12.10
C GLY D 375 -7.53 -3.81 -13.12
N ASN D 376 -7.78 -3.10 -14.21
CA ASN D 376 -8.75 -3.63 -15.20
C ASN D 376 -8.19 -4.92 -15.77
N TYR D 377 -6.94 -4.91 -16.20
CA TYR D 377 -6.37 -6.05 -16.90
C TYR D 377 -6.32 -7.30 -16.04
N PHE D 378 -6.61 -7.17 -14.76
CA PHE D 378 -6.47 -8.35 -13.87
C PHE D 378 -7.83 -8.70 -13.30
N THR D 379 -8.82 -7.82 -13.46
CA THR D 379 -10.13 -8.06 -12.82
C THR D 379 -11.24 -8.07 -13.86
N GLU D 380 -11.06 -7.35 -14.97
CA GLU D 380 -12.12 -7.25 -16.01
C GLU D 380 -11.54 -7.62 -17.38
N THR D 381 -10.49 -6.93 -17.81
CA THR D 381 -9.93 -7.22 -19.14
C THR D 381 -9.33 -8.59 -19.10
N ALA D 382 -9.46 -9.34 -20.19
CA ALA D 382 -8.89 -10.65 -20.31
C ALA D 382 -7.40 -10.57 -20.64
N GLY D 383 -6.66 -11.59 -20.20
CA GLY D 383 -5.23 -11.62 -20.45
C GLY D 383 -4.66 -12.99 -20.16
N THR D 384 -3.47 -13.22 -20.69
CA THR D 384 -2.78 -14.48 -20.49
C THR D 384 -1.29 -14.21 -20.28
N SER D 385 -0.66 -15.03 -19.45
CA SER D 385 0.75 -14.88 -19.16
C SER D 385 1.39 -16.25 -19.01
N LEU D 386 2.70 -16.30 -19.25
CA LEU D 386 3.50 -17.51 -19.16
C LEU D 386 4.52 -17.35 -18.05
N LEU D 387 4.67 -18.38 -17.23
CA LEU D 387 5.59 -18.39 -16.10
C LEU D 387 6.57 -19.54 -16.28
N VAL D 388 7.86 -19.24 -16.21
CA VAL D 388 8.91 -20.23 -16.40
C VAL D 388 9.93 -20.09 -15.29
N THR D 389 10.29 -21.21 -14.67
CA THR D 389 11.33 -21.28 -13.65
C THR D 389 12.27 -22.43 -14.00
N GLN D 390 13.53 -22.12 -14.24
CA GLN D 390 14.53 -23.11 -14.62
C GLN D 390 15.60 -23.20 -13.55
N ASN D 391 15.89 -24.41 -13.10
CA ASN D 391 16.91 -24.63 -12.08
C ASN D 391 18.26 -24.78 -12.77
N GLY D 392 19.07 -23.74 -12.69
CA GLY D 392 20.39 -23.77 -13.30
C GLY D 392 20.81 -22.37 -13.72
N ARG D 393 22.07 -22.29 -14.16
CA ARG D 393 22.62 -21.01 -14.64
C ARG D 393 22.44 -20.94 -16.15
N GLY D 394 21.93 -19.83 -16.66
CA GLY D 394 21.66 -19.66 -18.07
C GLY D 394 20.29 -20.16 -18.46
N GLY D 395 19.96 -19.96 -19.73
CA GLY D 395 18.68 -20.41 -20.25
C GLY D 395 17.72 -19.29 -20.57
N LEU D 396 16.42 -19.58 -20.51
CA LEU D 396 15.40 -18.58 -20.84
C LEU D 396 15.46 -17.39 -19.89
N ARG D 397 15.59 -17.68 -18.58
CA ARG D 397 15.63 -16.61 -17.60
C ARG D 397 16.83 -15.70 -17.82
N SER D 398 17.99 -16.28 -18.12
CA SER D 398 19.19 -15.47 -18.38
C SER D 398 19.01 -14.62 -19.63
N GLN D 399 18.40 -15.19 -20.67
CA GLN D 399 18.16 -14.42 -21.90
C GLN D 399 17.25 -13.24 -21.63
N LEU D 400 16.17 -13.44 -20.87
CA LEU D 400 15.29 -12.33 -20.57
C LEU D 400 15.96 -11.31 -19.65
N GLU D 401 16.80 -11.76 -18.72
CA GLU D 401 17.54 -10.81 -17.89
C GLU D 401 18.48 -9.97 -18.73
N ALA D 402 19.16 -10.59 -19.70
CA ALA D 402 20.02 -9.83 -20.60
C ALA D 402 19.21 -8.84 -21.43
N ILE D 403 18.03 -9.24 -21.87
CA ILE D 403 17.16 -8.33 -22.61
C ILE D 403 16.79 -7.12 -21.75
N PHE D 404 16.40 -7.38 -20.50
CA PHE D 404 16.03 -6.29 -19.60
C PHE D 404 17.22 -5.39 -19.33
N LEU D 405 18.42 -5.94 -19.15
CA LEU D 405 19.52 -5.01 -18.83
C LEU D 405 19.86 -4.22 -20.09
N ARG D 406 19.80 -4.84 -21.27
CA ARG D 406 20.01 -4.05 -22.48
C ARG D 406 19.01 -2.89 -22.55
N ASP D 407 17.76 -3.16 -22.21
CA ASP D 407 16.75 -2.10 -22.19
C ASP D 407 17.08 -1.04 -21.15
N TRP D 408 17.53 -1.47 -19.97
CA TRP D 408 17.74 -0.56 -18.85
C TRP D 408 18.84 0.45 -19.14
N ASP D 409 19.94 -0.01 -19.73
CA ASP D 409 21.08 0.86 -20.03
C ASP D 409 20.97 1.50 -21.40
N SER D 410 19.87 1.29 -22.11
CA SER D 410 19.71 1.89 -23.43
C SER D 410 19.60 3.41 -23.31
N PRO D 411 20.03 4.15 -24.34
CA PRO D 411 19.88 5.61 -24.31
C PRO D 411 18.43 6.06 -24.26
N TYR D 412 17.48 5.20 -24.63
CA TYR D 412 16.07 5.55 -24.61
C TYR D 412 15.45 5.45 -23.23
N SER D 413 16.15 4.88 -22.26
CA SER D 413 15.64 4.79 -20.89
C SER D 413 16.16 5.95 -20.07
N HIS D 414 15.24 6.67 -19.42
CA HIS D 414 15.56 7.89 -18.70
C HIS D 414 15.01 7.82 -17.29
N ASP D 415 15.47 8.73 -16.44
CA ASP D 415 15.00 8.82 -15.07
C ASP D 415 13.70 9.61 -15.00
N LEU D 416 13.02 9.49 -13.86
CA LEU D 416 11.74 10.17 -13.67
C LEU D 416 11.86 11.68 -13.58
N ASP D 417 13.07 12.21 -13.38
CA ASP D 417 13.30 13.64 -13.30
C ASP D 417 13.72 14.24 -14.64
N THR D 418 13.72 13.44 -15.69
CA THR D 418 14.17 13.92 -17.00
C THR D 418 13.21 14.95 -17.57
N SER D 419 13.76 15.93 -18.27
CA SER D 419 12.94 16.93 -18.95
C SER D 419 12.26 16.31 -20.16
N ALA D 420 10.96 16.61 -20.33
CA ALA D 420 10.19 16.00 -21.40
C ALA D 420 10.71 16.38 -22.77
N ASP D 421 11.10 17.65 -22.95
CA ASP D 421 11.56 18.11 -24.26
C ASP D 421 12.85 17.42 -24.67
N SER D 422 13.66 16.97 -23.71
CA SER D 422 14.90 16.29 -24.04
C SER D 422 14.63 14.96 -24.75
N VAL D 423 13.60 14.23 -24.30
CA VAL D 423 13.26 12.96 -24.93
C VAL D 423 12.68 13.21 -26.32
N GLY D 424 12.98 12.30 -27.24
CA GLY D 424 12.56 12.49 -28.62
C GLY D 424 11.06 12.50 -28.80
N ASN D 425 10.37 11.56 -28.15
CA ASN D 425 8.93 11.45 -28.29
C ASN D 425 8.23 12.38 -27.28
N ALA D 426 6.90 12.45 -27.41
CA ALA D 426 6.08 13.25 -26.52
C ALA D 426 5.70 12.41 -25.30
N CYS D 427 6.16 12.82 -24.13
CA CYS D 427 5.91 12.10 -22.89
C CYS D 427 5.10 12.98 -21.96
N ARG D 428 4.01 12.43 -21.43
CA ARG D 428 3.14 13.16 -20.50
C ARG D 428 3.52 12.93 -19.05
N LEU D 429 4.48 12.06 -18.77
CA LEU D 429 4.90 11.76 -17.41
C LEU D 429 6.14 12.53 -16.97
N LEU D 430 6.67 13.40 -17.83
CA LEU D 430 7.89 14.15 -17.54
C LEU D 430 7.54 15.62 -17.45
N LEU D 431 7.88 16.25 -16.34
CA LEU D 431 7.63 17.67 -16.17
C LEU D 431 8.54 18.48 -17.09
N GLU D 432 7.97 19.52 -17.69
CA GLU D 432 8.74 20.37 -18.59
C GLU D 432 9.81 21.12 -17.82
N VAL D 433 10.94 21.36 -18.49
CA VAL D 433 12.14 22.01 -17.95
C VAL D 433 12.37 21.70 -16.47
#